data_6NFF
#
_entry.id   6NFF
#
_cell.length_a   154.630
_cell.length_b   154.630
_cell.length_c   106.594
_cell.angle_alpha   90.00
_cell.angle_beta   90.00
_cell.angle_gamma   90.00
#
_symmetry.space_group_name_H-M   'P 43 21 2'
#
loop_
_entity.id
_entity.type
_entity.pdbx_description
1 polymer 'Xaa-Pro dipeptidyl-peptidase'
2 non-polymer 'CALCIUM ION'
3 non-polymer 'PHOSPHATE ION'
4 non-polymer 1,2-ETHANEDIOL
5 water water
#
_entity_poly.entity_id   1
_entity_poly.type   'polypeptide(L)'
_entity_poly.pdbx_seq_one_letter_code
;MGSSHHHHHHSSGLVPRGSHMKYNQYAYVETDFQQQVKELIDINFLPKNYQVWDFGSLLAKLVKNAIAEAKTDAAKNAKL
AEFAVSDHQTLADFLKEKPTEIGTKQFYNVALQLLGYHVHYDYDFADPTGFMQRNALPFLQDISDNQKLISAFYRLLNTR
AKNGQILLDVMAGKGYFTQFWGQNKFKFFNGKSIPVFDTNKVIREVVYVETDLDTDHDGKSDLIQVTVFRPEETNKGLKV
PALYTASPYFGGIIANEKRNHNVDENLSDSTEWNDPQYVHSPIVKAEKPDGSSRPATEEAVHKSSYPLNEYMLARGFASV
FAGAIGTRGSDGVRITGAPEETESAAAVIEWLHGDRVAYTDRTRTVRTTADWCNGNIGMTGRSYLGTLQIAIATTGVKGL
KTVVSEAAISSWYDYYREHGSVIAPEACQGEDLDLLAETCQSNLWDAGSYLKIKPEYDKMQKQLREKEDRNTGQYSDFWE
AGNYRHHADGIKCSWISVHGLNDWNVKPKNVYKIWQLVKKMPMKHHLFLHQGPHYNMNNLVSIDFTDLMNLWFVHELLGI
ENNAYNQWPTVMIQDNLQADKWHEEPDWSNDLGQEKIYYPTDEGELFQDGNGKAQKSFTDVGGIEFKKAGISESDWQYKF
ICGDEKWAKPSLRFETDEFTHPTTIVGRPEVKVRVSASLPKGEISVALVELGERQRLTATPKFLMHGGQELGYRFGTDTL
QEFVPDKKTKAKLITKAHMNLQNFKDMKKPEAIDADKFYDLDFLLQPTYYTIPSGSKLALIIYSTDQGMTKRPLEDETYT
IDLANTEIKFYEK
;
_entity_poly.pdbx_strand_id   A
#
# COMPACT_ATOMS: atom_id res chain seq x y z
N HIS A 20 -0.16 -25.85 -5.65
CA HIS A 20 1.18 -25.31 -5.50
C HIS A 20 1.24 -23.79 -5.70
N MET A 21 1.83 -23.10 -4.74
CA MET A 21 2.10 -21.67 -4.81
C MET A 21 3.43 -21.40 -4.13
N LYS A 22 4.22 -20.48 -4.68
CA LYS A 22 5.53 -20.17 -4.10
C LYS A 22 5.39 -19.19 -2.93
N TYR A 23 5.58 -19.67 -1.70
CA TYR A 23 5.62 -18.79 -0.53
C TYR A 23 6.99 -18.11 -0.45
N ASN A 24 7.26 -17.25 -1.45
CA ASN A 24 8.61 -16.66 -1.54
C ASN A 24 8.99 -15.98 -0.22
N GLN A 25 10.27 -16.10 0.15
CA GLN A 25 10.78 -15.52 1.39
C GLN A 25 12.00 -14.67 1.09
N TYR A 26 11.89 -13.36 1.32
CA TYR A 26 13.02 -12.46 1.14
C TYR A 26 13.64 -11.98 2.45
N ALA A 27 13.00 -12.22 3.59
CA ALA A 27 13.43 -11.62 4.85
C ALA A 27 14.33 -12.53 5.67
N TYR A 28 14.72 -13.70 5.17
CA TYR A 28 15.56 -14.60 5.95
C TYR A 28 17.01 -14.13 5.89
N VAL A 29 17.58 -13.80 7.04
CA VAL A 29 18.94 -13.29 7.12
C VAL A 29 19.88 -14.47 7.33
N GLU A 30 20.86 -14.62 6.44
CA GLU A 30 21.84 -15.68 6.62
C GLU A 30 22.50 -15.54 7.98
N THR A 31 22.56 -16.66 8.71
CA THR A 31 23.02 -16.70 10.09
C THR A 31 23.98 -17.85 10.25
N ASP A 32 25.16 -17.60 10.83
CA ASP A 32 26.06 -18.73 10.99
C ASP A 32 25.69 -19.55 12.22
N PHE A 33 26.33 -20.73 12.32
CA PHE A 33 25.90 -21.72 13.30
C PHE A 33 26.06 -21.19 14.72
N GLN A 34 27.12 -20.44 14.99
CA GLN A 34 27.28 -19.89 16.32
C GLN A 34 26.14 -18.93 16.65
N GLN A 35 25.73 -18.10 15.68
CA GLN A 35 24.63 -17.18 15.92
C GLN A 35 23.29 -17.93 15.95
N GLN A 36 23.13 -18.97 15.13
CA GLN A 36 21.96 -19.83 15.24
C GLN A 36 21.81 -20.37 16.66
N VAL A 37 22.90 -20.93 17.20
CA VAL A 37 22.88 -21.56 18.53
C VAL A 37 22.52 -20.53 19.57
N LYS A 38 23.14 -19.36 19.47
CA LYS A 38 22.89 -18.27 20.41
C LYS A 38 21.42 -17.90 20.43
N GLU A 39 20.79 -17.80 19.25
CA GLU A 39 19.40 -17.37 19.21
C GLU A 39 18.48 -18.47 19.73
N LEU A 40 18.77 -19.72 19.38
CA LEU A 40 17.94 -20.83 19.84
C LEU A 40 17.99 -20.97 21.35
N ILE A 41 19.20 -20.90 21.94
CA ILE A 41 19.28 -20.87 23.39
C ILE A 41 18.50 -19.69 23.96
N ASP A 42 18.64 -18.51 23.34
CA ASP A 42 18.04 -17.32 23.93
C ASP A 42 16.53 -17.41 23.97
N ILE A 43 15.91 -18.11 23.03
CA ILE A 43 14.46 -18.28 23.03
C ILE A 43 14.04 -19.56 23.72
N ASN A 44 14.93 -20.22 24.48
CA ASN A 44 14.61 -21.41 25.27
C ASN A 44 14.11 -22.55 24.39
N PHE A 45 14.69 -22.67 23.20
CA PHE A 45 14.31 -23.72 22.26
C PHE A 45 15.30 -24.87 22.27
N LEU A 46 16.59 -24.55 22.40
CA LEU A 46 17.76 -25.40 22.48
C LEU A 46 18.36 -25.34 23.88
N PRO A 47 18.79 -26.48 24.43
CA PRO A 47 19.39 -26.47 25.77
C PRO A 47 20.71 -25.72 25.80
N LYS A 48 20.99 -25.08 26.93
CA LYS A 48 22.23 -24.31 27.03
C LYS A 48 23.46 -25.16 26.78
N ASN A 49 23.43 -26.43 27.18
CA ASN A 49 24.59 -27.30 26.95
C ASN A 49 24.30 -28.34 25.88
N TYR A 50 23.72 -27.90 24.76
CA TYR A 50 23.24 -28.79 23.69
C TYR A 50 24.29 -29.81 23.24
N GLN A 51 25.58 -29.52 23.41
CA GLN A 51 26.61 -30.40 22.87
C GLN A 51 26.64 -31.77 23.55
N VAL A 52 26.20 -31.86 24.82
CA VAL A 52 26.18 -33.16 25.51
C VAL A 52 24.91 -33.95 25.25
N TRP A 53 23.99 -33.44 24.43
CA TRP A 53 22.73 -34.14 24.17
C TRP A 53 22.89 -35.06 22.97
N ASP A 54 22.42 -36.30 23.10
CA ASP A 54 22.49 -37.21 21.97
C ASP A 54 21.37 -36.92 20.98
N PHE A 55 21.50 -37.50 19.78
CA PHE A 55 20.67 -37.09 18.65
C PHE A 55 19.18 -37.26 18.95
N GLY A 56 18.79 -38.45 19.41
CA GLY A 56 17.39 -38.70 19.73
C GLY A 56 16.85 -37.72 20.76
N SER A 57 17.61 -37.48 21.82
CA SER A 57 17.15 -36.56 22.86
C SER A 57 16.98 -35.15 22.31
N LEU A 58 17.87 -34.74 21.40
CA LEU A 58 17.77 -33.42 20.80
C LEU A 58 16.54 -33.33 19.89
N LEU A 59 16.43 -34.24 18.91
CA LEU A 59 15.33 -34.19 17.97
C LEU A 59 13.98 -34.21 18.68
N ALA A 60 13.84 -35.05 19.70
CA ALA A 60 12.57 -35.09 20.43
C ALA A 60 12.29 -33.78 21.13
N LYS A 61 13.30 -33.19 21.77
CA LYS A 61 13.09 -31.92 22.47
C LYS A 61 12.74 -30.80 21.49
N LEU A 62 13.41 -30.77 20.33
CA LEU A 62 13.17 -29.66 19.41
C LEU A 62 11.81 -29.76 18.73
N VAL A 63 11.37 -30.99 18.42
CA VAL A 63 10.02 -31.15 17.88
C VAL A 63 9.00 -30.81 18.96
N LYS A 64 9.23 -31.30 20.19
CA LYS A 64 8.26 -31.07 21.27
C LYS A 64 8.19 -29.59 21.65
N ASN A 65 9.29 -28.85 21.52
CA ASN A 65 9.26 -27.43 21.82
C ASN A 65 8.46 -26.66 20.78
N ALA A 66 8.51 -27.10 19.51
CA ALA A 66 7.67 -26.52 18.48
C ALA A 66 6.19 -26.77 18.76
N ILE A 67 5.87 -27.86 19.46
CA ILE A 67 4.47 -28.21 19.71
C ILE A 67 3.99 -27.43 20.92
N ALA A 68 3.93 -26.10 20.80
CA ALA A 68 3.68 -25.21 21.93
C ALA A 68 2.29 -25.35 22.54
N GLU A 69 1.33 -25.99 21.86
CA GLU A 69 0.01 -26.12 22.47
C GLU A 69 -0.05 -27.17 23.57
N ALA A 70 0.86 -28.14 23.58
CA ALA A 70 0.97 -29.07 24.71
C ALA A 70 1.88 -28.45 25.76
N LYS A 71 1.42 -28.43 27.00
CA LYS A 71 2.06 -27.63 28.04
C LYS A 71 2.89 -28.44 29.05
N THR A 72 2.60 -29.73 29.23
CA THR A 72 3.48 -30.60 30.00
C THR A 72 4.25 -31.51 29.07
N ASP A 73 5.32 -32.10 29.60
CA ASP A 73 6.15 -33.00 28.80
C ASP A 73 5.35 -34.25 28.42
N ALA A 74 4.49 -34.72 29.33
CA ALA A 74 3.61 -35.82 29.01
C ALA A 74 2.72 -35.48 27.81
N ALA A 75 2.10 -34.29 27.82
CA ALA A 75 1.22 -33.91 26.72
C ALA A 75 2.00 -33.81 25.43
N LYS A 76 3.19 -33.19 25.47
CA LYS A 76 4.02 -33.14 24.28
C LYS A 76 4.36 -34.54 23.78
N ASN A 77 4.67 -35.46 24.70
CA ASN A 77 5.07 -36.81 24.26
C ASN A 77 3.93 -37.52 23.54
N ALA A 78 2.71 -37.45 24.08
CA ALA A 78 1.58 -38.08 23.42
C ALA A 78 1.37 -37.50 22.03
N LYS A 79 1.69 -36.23 21.84
CA LYS A 79 1.52 -35.62 20.53
C LYS A 79 2.43 -36.24 19.47
N LEU A 80 3.56 -36.84 19.88
CA LEU A 80 4.53 -37.34 18.91
C LEU A 80 3.96 -38.48 18.07
N ALA A 81 3.00 -39.23 18.61
CA ALA A 81 2.40 -40.30 17.83
C ALA A 81 1.62 -39.77 16.63
N GLU A 82 1.22 -38.50 16.66
CA GLU A 82 0.39 -37.93 15.62
C GLU A 82 1.17 -37.47 14.41
N PHE A 83 2.49 -37.46 14.48
CA PHE A 83 3.35 -37.13 13.35
C PHE A 83 3.91 -38.40 12.73
N ALA A 84 4.40 -38.28 11.49
CA ALA A 84 4.91 -39.42 10.74
C ALA A 84 6.23 -39.08 10.09
N VAL A 85 7.17 -40.03 10.12
CA VAL A 85 8.41 -39.89 9.35
C VAL A 85 8.30 -40.56 7.98
N SER A 86 7.34 -41.47 7.79
CA SER A 86 7.18 -42.18 6.52
C SER A 86 5.74 -42.68 6.44
N ASP A 87 5.41 -43.33 5.31
CA ASP A 87 4.10 -43.93 5.18
C ASP A 87 3.91 -45.17 6.05
N HIS A 88 4.90 -45.57 6.85
CA HIS A 88 4.77 -46.76 7.68
C HIS A 88 5.35 -46.58 9.08
N GLN A 89 5.64 -45.36 9.51
CA GLN A 89 6.22 -45.19 10.85
C GLN A 89 5.87 -43.81 11.42
N THR A 90 5.24 -43.78 12.59
CA THR A 90 5.05 -42.52 13.31
C THR A 90 6.38 -41.99 13.82
N LEU A 91 6.36 -40.72 14.22
CA LEU A 91 7.54 -40.12 14.82
C LEU A 91 7.86 -40.77 16.16
N ALA A 92 6.82 -41.11 16.93
CA ALA A 92 7.08 -41.74 18.22
C ALA A 92 7.85 -43.04 18.03
N ASP A 93 7.40 -43.88 17.08
CA ASP A 93 8.06 -45.15 16.86
C ASP A 93 9.45 -44.96 16.27
N PHE A 94 9.65 -43.91 15.46
CA PHE A 94 11.00 -43.61 14.99
C PHE A 94 11.92 -43.31 16.17
N LEU A 95 11.47 -42.47 17.09
CA LEU A 95 12.32 -42.11 18.21
C LEU A 95 12.68 -43.33 19.05
N LYS A 96 11.73 -44.24 19.22
CA LYS A 96 11.96 -45.42 20.06
C LYS A 96 13.06 -46.32 19.51
N GLU A 97 13.34 -46.24 18.22
CA GLU A 97 14.42 -47.04 17.65
C GLU A 97 15.79 -46.53 18.00
N LYS A 98 15.95 -45.61 18.95
CA LYS A 98 17.24 -45.02 19.28
C LYS A 98 18.01 -44.57 18.03
N PRO A 99 17.47 -43.62 17.28
CA PRO A 99 18.16 -43.17 16.06
C PRO A 99 19.32 -42.24 16.40
N THR A 100 20.33 -42.29 15.53
CA THR A 100 21.51 -41.44 15.63
C THR A 100 21.56 -40.42 14.51
N GLU A 101 20.62 -40.48 13.58
CA GLU A 101 20.46 -39.47 12.55
C GLU A 101 19.02 -39.57 12.06
N ILE A 102 18.69 -38.75 11.06
CA ILE A 102 17.35 -38.77 10.45
C ILE A 102 17.53 -38.45 8.98
N GLY A 103 16.86 -39.22 8.12
CA GLY A 103 16.94 -38.95 6.70
C GLY A 103 16.19 -37.68 6.34
N THR A 104 16.52 -37.12 5.17
CA THR A 104 15.92 -35.85 4.75
C THR A 104 14.40 -35.98 4.60
N LYS A 105 13.93 -37.03 3.92
CA LYS A 105 12.49 -37.18 3.76
C LYS A 105 11.79 -37.40 5.10
N GLN A 106 12.45 -38.11 6.03
CA GLN A 106 11.87 -38.35 7.34
C GLN A 106 11.69 -37.05 8.12
N PHE A 107 12.71 -36.19 8.11
CA PHE A 107 12.60 -34.94 8.85
C PHE A 107 11.47 -34.08 8.28
N TYR A 108 11.39 -33.95 6.96
CA TYR A 108 10.40 -33.04 6.42
C TYR A 108 9.00 -33.64 6.37
N ASN A 109 8.87 -34.95 6.52
CA ASN A 109 7.54 -35.50 6.79
C ASN A 109 7.01 -35.07 8.16
N VAL A 110 7.92 -34.78 9.10
CA VAL A 110 7.54 -34.15 10.35
C VAL A 110 7.35 -32.65 10.15
N ALA A 111 8.32 -32.00 9.50
CA ALA A 111 8.34 -30.55 9.39
C ALA A 111 7.10 -30.02 8.68
N LEU A 112 6.73 -30.63 7.55
CA LEU A 112 5.60 -30.15 6.77
C LEU A 112 4.32 -30.14 7.61
N GLN A 113 4.20 -31.06 8.56
CA GLN A 113 3.04 -31.04 9.44
C GLN A 113 3.13 -29.90 10.44
N LEU A 114 4.34 -29.61 10.92
CA LEU A 114 4.51 -28.45 11.79
C LEU A 114 4.19 -27.16 11.04
N LEU A 115 4.44 -27.15 9.72
CA LEU A 115 4.13 -26.04 8.85
C LEU A 115 2.67 -26.02 8.41
N GLY A 116 1.82 -26.88 8.94
CA GLY A 116 0.41 -26.80 8.60
C GLY A 116 0.01 -27.41 7.27
N TYR A 117 0.87 -28.22 6.64
CA TYR A 117 0.48 -28.96 5.45
C TYR A 117 -0.04 -30.37 5.80
N HIS A 118 -0.91 -30.89 4.94
CA HIS A 118 -1.59 -32.15 5.20
C HIS A 118 -1.14 -33.21 4.19
N VAL A 119 -0.86 -34.42 4.68
CA VAL A 119 -0.35 -35.47 3.80
C VAL A 119 -1.46 -35.94 2.88
N HIS A 120 -1.07 -36.40 1.68
CA HIS A 120 -1.97 -36.85 0.61
C HIS A 120 -2.66 -35.68 -0.05
N TYR A 121 -3.36 -34.85 0.74
CA TYR A 121 -4.09 -33.74 0.18
C TYR A 121 -3.16 -32.64 -0.34
N ASP A 122 -2.02 -32.43 0.31
CA ASP A 122 -1.01 -31.46 -0.13
C ASP A 122 0.23 -32.12 -0.73
N TYR A 123 0.81 -33.07 -0.01
CA TYR A 123 2.09 -33.68 -0.37
C TYR A 123 2.01 -35.18 -0.14
N ASP A 124 2.96 -35.90 -0.73
CA ASP A 124 3.07 -37.34 -0.55
C ASP A 124 4.17 -37.68 0.44
N PHE A 125 3.94 -38.72 1.24
CA PHE A 125 4.99 -39.26 2.10
C PHE A 125 6.29 -39.46 1.34
N ALA A 126 6.20 -39.81 0.06
CA ALA A 126 7.35 -40.20 -0.74
C ALA A 126 8.22 -39.01 -1.13
N ASP A 127 7.65 -37.80 -1.22
CA ASP A 127 8.38 -36.66 -1.78
C ASP A 127 8.06 -35.37 -1.03
N PRO A 128 8.39 -35.29 0.26
CA PRO A 128 8.14 -34.03 0.99
C PRO A 128 9.00 -32.88 0.51
N THR A 129 10.26 -33.11 0.19
CA THR A 129 11.10 -32.00 -0.24
C THR A 129 10.81 -31.61 -1.69
N GLY A 130 10.36 -32.53 -2.54
CA GLY A 130 9.80 -32.14 -3.81
C GLY A 130 8.65 -31.15 -3.65
N PHE A 131 7.72 -31.45 -2.74
CA PHE A 131 6.63 -30.53 -2.48
C PHE A 131 7.15 -29.17 -2.02
N MET A 132 8.06 -29.18 -1.03
CA MET A 132 8.60 -27.92 -0.51
C MET A 132 9.27 -27.12 -1.61
N GLN A 133 10.02 -27.78 -2.48
CA GLN A 133 10.70 -27.11 -3.57
C GLN A 133 9.69 -26.33 -4.43
N ARG A 134 8.51 -26.93 -4.66
CA ARG A 134 7.56 -26.29 -5.56
C ARG A 134 6.70 -25.24 -4.87
N ASN A 135 6.75 -25.13 -3.54
CA ASN A 135 6.19 -23.99 -2.83
C ASN A 135 7.26 -23.03 -2.35
N ALA A 136 8.47 -23.12 -2.93
CA ALA A 136 9.60 -22.26 -2.59
C ALA A 136 9.98 -22.34 -1.10
N LEU A 137 9.71 -23.48 -0.45
CA LEU A 137 10.12 -23.66 0.93
C LEU A 137 11.53 -24.25 0.97
N PRO A 138 12.43 -23.72 1.80
CA PRO A 138 13.79 -24.26 1.85
C PRO A 138 13.84 -25.55 2.63
N PHE A 139 14.82 -26.40 2.30
CA PHE A 139 15.05 -27.59 3.10
C PHE A 139 16.52 -27.95 3.07
N LEU A 140 16.98 -28.58 4.15
CA LEU A 140 18.38 -29.00 4.26
C LEU A 140 18.53 -30.42 3.73
N GLN A 141 19.44 -30.59 2.76
CA GLN A 141 19.62 -31.89 2.12
C GLN A 141 20.24 -32.92 3.05
N ASP A 142 20.99 -32.49 4.06
CA ASP A 142 21.85 -33.37 4.84
C ASP A 142 21.63 -33.05 6.32
N ILE A 143 21.23 -34.05 7.11
CA ILE A 143 20.94 -33.89 8.53
C ILE A 143 21.56 -35.04 9.32
N SER A 144 22.87 -35.24 9.15
CA SER A 144 23.52 -36.45 9.62
C SER A 144 24.25 -36.31 10.96
N ASP A 145 24.00 -35.23 11.70
CA ASP A 145 24.60 -35.07 13.03
C ASP A 145 23.86 -33.94 13.76
N ASN A 146 24.20 -33.78 15.04
CA ASN A 146 23.55 -32.78 15.88
C ASN A 146 23.68 -31.38 15.30
N GLN A 147 24.84 -31.05 14.73
CA GLN A 147 25.06 -29.71 14.20
C GLN A 147 24.07 -29.41 13.08
N LYS A 148 24.01 -30.30 12.08
CA LYS A 148 23.10 -30.10 10.95
C LYS A 148 21.64 -30.13 11.39
N LEU A 149 21.31 -30.96 12.38
CA LEU A 149 19.93 -31.01 12.84
C LEU A 149 19.54 -29.68 13.50
N ILE A 150 20.46 -29.08 14.26
CA ILE A 150 20.17 -27.77 14.87
C ILE A 150 20.02 -26.73 13.78
N SER A 151 20.85 -26.77 12.75
CA SER A 151 20.72 -25.80 11.66
C SER A 151 19.48 -26.04 10.82
N ALA A 152 19.06 -27.30 10.69
CA ALA A 152 17.79 -27.56 10.00
C ALA A 152 16.62 -27.02 10.82
N PHE A 153 16.69 -27.12 12.14
CA PHE A 153 15.62 -26.60 12.97
C PHE A 153 15.64 -25.08 13.04
N TYR A 154 16.82 -24.46 12.98
CA TYR A 154 16.86 -23.01 12.90
C TYR A 154 16.20 -22.53 11.62
N ARG A 155 16.56 -23.11 10.48
CA ARG A 155 15.91 -22.73 9.23
C ARG A 155 14.41 -23.00 9.28
N LEU A 156 14.01 -24.13 9.88
CA LEU A 156 12.59 -24.47 9.97
C LEU A 156 11.81 -23.40 10.72
N LEU A 157 12.30 -23.00 11.91
CA LEU A 157 11.67 -21.92 12.67
C LEU A 157 11.51 -20.67 11.81
N ASN A 158 12.45 -20.43 10.90
CA ASN A 158 12.41 -19.31 9.99
C ASN A 158 11.76 -19.64 8.65
N THR A 159 10.93 -20.69 8.59
CA THR A 159 10.33 -21.14 7.33
C THR A 159 8.88 -20.70 7.27
N ARG A 160 8.47 -20.12 6.15
CA ARG A 160 7.09 -19.69 6.01
C ARG A 160 6.15 -20.90 6.01
N ALA A 161 5.19 -20.91 6.93
CA ALA A 161 4.23 -22.00 7.05
C ALA A 161 3.08 -21.80 6.06
N LYS A 162 2.13 -22.74 6.05
CA LYS A 162 1.07 -22.69 5.03
C LYS A 162 0.18 -21.47 5.22
N ASN A 163 0.08 -20.97 6.45
CA ASN A 163 -0.76 -19.81 6.76
C ASN A 163 -0.06 -18.48 6.47
N GLY A 164 1.12 -18.52 5.84
CA GLY A 164 1.86 -17.33 5.46
C GLY A 164 2.92 -16.88 6.45
N GLN A 165 2.82 -17.29 7.71
CA GLN A 165 3.72 -16.84 8.75
C GLN A 165 4.85 -17.85 8.94
N ILE A 166 6.01 -17.35 9.35
CA ILE A 166 7.08 -18.28 9.68
C ILE A 166 6.65 -19.10 10.88
N LEU A 167 7.20 -20.32 10.98
CA LEU A 167 6.81 -21.23 12.04
C LEU A 167 6.91 -20.59 13.42
N LEU A 168 7.92 -19.73 13.63
CA LEU A 168 8.09 -19.10 14.93
C LEU A 168 6.86 -18.27 15.32
N ASP A 169 6.19 -17.65 14.35
CA ASP A 169 4.98 -16.89 14.65
C ASP A 169 3.78 -17.79 14.94
N VAL A 170 3.71 -18.98 14.33
CA VAL A 170 2.70 -19.96 14.71
C VAL A 170 2.91 -20.40 16.17
N MET A 171 4.16 -20.72 16.53
CA MET A 171 4.50 -20.95 17.94
C MET A 171 4.07 -19.76 18.80
N ALA A 172 4.34 -18.54 18.33
CA ALA A 172 3.92 -17.35 19.09
C ALA A 172 2.42 -17.33 19.28
N GLY A 173 1.65 -17.64 18.23
CA GLY A 173 0.21 -17.72 18.39
C GLY A 173 -0.20 -18.73 19.44
N LYS A 174 0.59 -19.78 19.60
CA LYS A 174 0.35 -20.80 20.62
C LYS A 174 0.91 -20.41 21.98
N GLY A 175 1.40 -19.18 22.14
CA GLY A 175 1.83 -18.69 23.43
C GLY A 175 3.26 -19.02 23.78
N TYR A 176 4.05 -19.49 22.81
CA TYR A 176 5.42 -19.91 23.11
C TYR A 176 6.18 -18.84 23.88
N PHE A 177 5.98 -17.57 23.53
CA PHE A 177 6.82 -16.48 24.02
C PHE A 177 6.23 -15.80 25.24
N THR A 178 5.08 -16.27 25.75
CA THR A 178 4.58 -15.75 27.02
C THR A 178 5.53 -16.08 28.17
N GLN A 179 6.36 -17.11 28.02
CA GLN A 179 7.34 -17.40 29.07
C GLN A 179 8.30 -16.24 29.32
N PHE A 180 8.44 -15.33 28.36
CA PHE A 180 9.32 -14.18 28.51
C PHE A 180 8.61 -12.92 28.97
N TRP A 181 7.27 -12.93 28.96
CA TRP A 181 6.52 -11.76 29.41
C TRP A 181 6.99 -11.36 30.79
N GLY A 182 7.05 -10.04 31.02
CA GLY A 182 7.55 -9.55 32.28
C GLY A 182 9.03 -9.25 32.29
N GLN A 183 9.78 -9.66 31.27
CA GLN A 183 11.19 -9.33 31.21
C GLN A 183 11.45 -7.95 30.62
N ASN A 184 10.41 -7.28 30.13
CA ASN A 184 10.44 -5.84 29.90
C ASN A 184 11.51 -5.42 28.90
N LYS A 185 11.80 -6.25 27.89
CA LYS A 185 12.84 -5.94 26.92
C LYS A 185 12.51 -6.54 25.55
N PHE A 186 13.10 -5.95 24.51
CA PHE A 186 12.99 -6.52 23.17
C PHE A 186 13.80 -7.81 23.09
N LYS A 187 13.38 -8.70 22.19
CA LYS A 187 14.16 -9.91 21.91
C LYS A 187 14.09 -10.19 20.42
N PHE A 188 15.24 -10.47 19.82
CA PHE A 188 15.31 -10.60 18.38
C PHE A 188 15.56 -12.04 17.97
N PHE A 189 15.04 -12.39 16.80
CA PHE A 189 15.26 -13.70 16.21
C PHE A 189 15.38 -13.50 14.71
N ASN A 190 16.54 -13.92 14.17
CA ASN A 190 16.87 -13.70 12.75
C ASN A 190 16.72 -12.22 12.38
N GLY A 191 17.08 -11.35 13.33
CA GLY A 191 17.12 -9.92 13.10
C GLY A 191 15.80 -9.21 13.32
N LYS A 192 14.78 -9.91 13.78
CA LYS A 192 13.43 -9.37 13.84
C LYS A 192 12.94 -9.39 15.29
N SER A 193 12.06 -8.45 15.60
CA SER A 193 11.50 -8.37 16.95
C SER A 193 10.42 -9.43 17.10
N ILE A 194 10.41 -10.09 18.25
CA ILE A 194 9.51 -11.22 18.47
C ILE A 194 8.62 -10.87 19.65
N PRO A 195 7.45 -11.55 19.79
CA PRO A 195 6.42 -11.07 20.73
C PRO A 195 6.61 -11.46 22.20
N VAL A 196 7.54 -10.75 22.86
CA VAL A 196 7.87 -10.99 24.26
C VAL A 196 7.29 -9.91 25.16
N PHE A 197 6.16 -9.30 24.75
CA PHE A 197 5.50 -8.22 25.48
C PHE A 197 4.12 -8.67 25.92
N ASP A 198 3.72 -8.25 27.12
CA ASP A 198 2.44 -8.70 27.70
C ASP A 198 1.30 -7.94 27.04
N THR A 199 0.75 -8.53 25.98
CA THR A 199 -0.28 -7.86 25.21
C THR A 199 -1.61 -7.84 25.94
N ASN A 200 -1.77 -8.67 26.98
CA ASN A 200 -2.92 -8.50 27.86
C ASN A 200 -2.89 -7.16 28.57
N LYS A 201 -1.70 -6.59 28.76
CA LYS A 201 -1.58 -5.34 29.51
C LYS A 201 -1.30 -4.14 28.60
N VAL A 202 -1.49 -4.28 27.29
CA VAL A 202 -1.14 -3.21 26.39
C VAL A 202 -1.98 -1.97 26.74
N ILE A 203 -1.37 -0.80 26.58
CA ILE A 203 -1.96 0.46 27.01
C ILE A 203 -2.52 1.17 25.78
N ARG A 204 -3.80 1.53 25.83
CA ARG A 204 -4.48 2.17 24.71
C ARG A 204 -5.12 3.46 25.25
N GLU A 205 -4.42 4.59 25.11
CA GLU A 205 -4.78 5.81 25.84
C GLU A 205 -4.93 6.95 24.85
N VAL A 206 -5.34 8.12 25.36
CA VAL A 206 -5.67 9.27 24.52
C VAL A 206 -5.09 10.54 25.16
N VAL A 207 -4.43 11.37 24.35
CA VAL A 207 -3.93 12.68 24.76
C VAL A 207 -4.37 13.70 23.71
N TYR A 208 -3.99 14.96 23.94
CA TYR A 208 -4.41 16.08 23.09
C TYR A 208 -3.21 16.94 22.79
N VAL A 209 -2.68 16.81 21.58
CA VAL A 209 -1.51 17.56 21.15
C VAL A 209 -1.95 18.95 20.69
N GLU A 210 -1.13 19.94 20.98
CA GLU A 210 -1.48 21.33 20.67
C GLU A 210 -0.70 21.76 19.43
N THR A 211 -1.42 22.10 18.37
CA THR A 211 -0.81 22.52 17.14
C THR A 211 -0.50 24.01 17.20
N ASP A 212 0.09 24.55 16.13
CA ASP A 212 0.29 25.98 15.98
C ASP A 212 -0.78 26.63 15.10
N LEU A 213 -1.90 25.94 14.86
CA LEU A 213 -2.93 26.39 13.92
C LEU A 213 -4.18 26.91 14.63
N ASP A 214 -4.90 27.82 13.96
CA ASP A 214 -6.24 28.20 14.40
C ASP A 214 -7.20 28.15 13.20
N THR A 215 -7.40 26.95 12.67
CA THR A 215 -8.22 26.79 11.47
C THR A 215 -9.70 26.97 11.76
N ASP A 216 -10.12 27.02 13.02
CA ASP A 216 -11.53 27.31 13.28
C ASP A 216 -11.74 28.72 13.81
N HIS A 217 -10.71 29.56 13.78
CA HIS A 217 -10.85 31.01 13.98
C HIS A 217 -11.42 31.34 15.36
N ASP A 218 -10.95 30.65 16.39
CA ASP A 218 -11.42 30.89 17.74
C ASP A 218 -10.34 31.54 18.60
N GLY A 219 -9.22 31.90 18.02
CA GLY A 219 -8.15 32.55 18.72
C GLY A 219 -7.26 31.61 19.51
N LYS A 220 -7.52 30.32 19.44
CA LYS A 220 -6.79 29.34 20.22
C LYS A 220 -6.17 28.31 19.29
N SER A 221 -4.96 27.86 19.65
CA SER A 221 -4.35 26.71 19.02
C SER A 221 -5.34 25.56 18.87
N ASP A 222 -5.37 24.94 17.69
CA ASP A 222 -6.17 23.74 17.50
C ASP A 222 -5.53 22.58 18.29
N LEU A 223 -6.32 21.95 19.17
CA LEU A 223 -5.89 20.70 19.78
C LEU A 223 -6.37 19.55 18.91
N ILE A 224 -5.59 18.47 18.88
CA ILE A 224 -5.96 17.29 18.12
C ILE A 224 -5.91 16.08 19.04
N GLN A 225 -6.99 15.31 19.08
CA GLN A 225 -7.01 14.06 19.84
C GLN A 225 -6.04 13.06 19.23
N VAL A 226 -5.20 12.45 20.07
CA VAL A 226 -4.17 11.51 19.63
C VAL A 226 -4.31 10.21 20.41
N THR A 227 -4.41 9.08 19.69
CA THR A 227 -4.55 7.76 20.31
C THR A 227 -3.19 7.05 20.34
N VAL A 228 -2.79 6.62 21.53
CA VAL A 228 -1.51 5.95 21.75
C VAL A 228 -1.76 4.51 22.22
N PHE A 229 -1.21 3.55 21.46
CA PHE A 229 -1.11 2.15 21.87
C PHE A 229 0.35 1.86 22.20
N ARG A 230 0.66 1.58 23.46
CA ARG A 230 2.03 1.31 23.82
C ARG A 230 2.13 0.09 24.75
N PRO A 231 3.21 -0.67 24.64
CA PRO A 231 3.40 -1.79 25.58
C PRO A 231 3.46 -1.31 27.02
N GLU A 232 2.77 -2.03 27.91
CA GLU A 232 2.85 -1.76 29.35
C GLU A 232 4.29 -1.71 29.83
N GLU A 233 5.19 -2.41 29.16
CA GLU A 233 6.61 -2.42 29.50
C GLU A 233 7.19 -1.00 29.58
N THR A 234 6.57 -0.02 28.92
CA THR A 234 7.04 1.36 29.00
C THR A 234 6.88 1.91 30.40
N ASN A 235 5.92 1.39 31.18
CA ASN A 235 5.80 1.78 32.58
C ASN A 235 6.95 1.26 33.44
N LYS A 236 7.83 0.41 32.91
CA LYS A 236 8.97 -0.13 33.64
C LYS A 236 10.29 0.39 33.08
N GLY A 237 10.27 1.56 32.41
CA GLY A 237 11.50 2.19 31.96
C GLY A 237 11.96 1.83 30.57
N LEU A 238 11.33 0.88 29.90
CA LEU A 238 11.74 0.57 28.53
C LEU A 238 11.25 1.66 27.58
N LYS A 239 12.16 2.28 26.83
CA LYS A 239 11.74 3.19 25.76
C LYS A 239 11.53 2.41 24.46
N VAL A 240 10.47 2.74 23.74
CA VAL A 240 10.13 2.02 22.52
C VAL A 240 10.00 3.00 21.38
N PRO A 241 10.15 2.52 20.15
CA PRO A 241 9.84 3.36 18.98
C PRO A 241 8.33 3.45 18.80
N ALA A 242 7.94 4.37 17.94
CA ALA A 242 6.53 4.56 17.62
C ALA A 242 6.32 4.48 16.12
N LEU A 243 5.26 3.79 15.73
CA LEU A 243 4.80 3.75 14.34
C LEU A 243 3.58 4.65 14.30
N TYR A 244 3.70 5.81 13.65
CA TYR A 244 2.65 6.83 13.64
C TYR A 244 1.84 6.75 12.36
N THR A 245 0.52 6.72 12.50
CA THR A 245 -0.43 6.67 11.39
C THR A 245 -1.23 7.97 11.40
N ALA A 246 -1.00 8.81 10.39
CA ALA A 246 -1.79 10.02 10.18
C ALA A 246 -3.04 9.66 9.37
N SER A 247 -4.14 9.43 10.07
CA SER A 247 -5.40 8.99 9.46
C SER A 247 -6.52 10.01 9.64
N PRO A 248 -6.86 10.80 8.61
CA PRO A 248 -8.01 11.71 8.72
C PRO A 248 -9.33 11.00 8.96
N TYR A 249 -9.37 9.67 8.81
CA TYR A 249 -10.57 8.89 9.03
C TYR A 249 -10.69 8.42 10.46
N PHE A 250 -9.64 8.59 11.27
CA PHE A 250 -9.55 7.85 12.52
C PHE A 250 -10.68 8.20 13.46
N GLY A 251 -11.18 9.43 13.39
CA GLY A 251 -12.25 9.87 14.25
C GLY A 251 -13.64 9.52 13.79
N GLY A 252 -13.76 8.87 12.62
CA GLY A 252 -15.06 8.62 12.01
C GLY A 252 -15.12 9.12 10.57
N ILE A 253 -15.98 8.48 9.78
CA ILE A 253 -16.11 8.77 8.35
C ILE A 253 -17.54 9.19 8.04
N ILE A 254 -17.71 10.41 7.55
CA ILE A 254 -19.03 10.91 7.19
C ILE A 254 -19.33 10.53 5.74
N ALA A 255 -20.39 9.74 5.54
CA ALA A 255 -20.82 9.40 4.20
C ALA A 255 -21.48 10.62 3.55
N ASN A 256 -21.05 10.96 2.33
CA ASN A 256 -21.65 12.09 1.63
C ASN A 256 -21.73 11.84 0.12
N GLU A 257 -21.79 10.58 -0.30
CA GLU A 257 -21.71 10.25 -1.73
C GLU A 257 -22.82 10.93 -2.53
N LYS A 258 -24.01 11.06 -1.94
CA LYS A 258 -25.11 11.72 -2.63
C LYS A 258 -24.82 13.19 -2.90
N ARG A 259 -23.81 13.78 -2.25
CA ARG A 259 -23.46 15.18 -2.44
C ARG A 259 -22.36 15.37 -3.47
N ASN A 260 -21.79 14.28 -3.99
CA ASN A 260 -20.81 14.38 -5.05
C ASN A 260 -21.32 15.27 -6.18
N HIS A 261 -20.44 16.08 -6.72
CA HIS A 261 -20.88 17.08 -7.70
C HIS A 261 -21.35 16.40 -8.98
N ASN A 262 -22.34 17.00 -9.61
CA ASN A 262 -22.84 16.45 -10.85
C ASN A 262 -21.75 16.50 -11.90
N VAL A 263 -21.50 15.37 -12.57
CA VAL A 263 -20.56 15.32 -13.68
C VAL A 263 -21.26 15.26 -15.03
N ASP A 264 -22.58 15.11 -15.05
CA ASP A 264 -23.35 15.16 -16.29
C ASP A 264 -23.58 16.62 -16.66
N GLU A 265 -22.53 17.22 -17.20
CA GLU A 265 -22.52 18.62 -17.63
C GLU A 265 -21.59 18.74 -18.81
N ASN A 266 -21.88 19.72 -19.67
CA ASN A 266 -21.03 19.99 -20.83
C ASN A 266 -19.72 20.62 -20.39
N LEU A 267 -18.68 20.39 -21.20
CA LEU A 267 -17.41 21.05 -20.96
C LEU A 267 -17.60 22.57 -21.11
N SER A 268 -16.74 23.32 -20.43
CA SER A 268 -16.77 24.77 -20.48
C SER A 268 -15.41 25.28 -20.93
N ASP A 269 -15.35 26.58 -21.21
CA ASP A 269 -14.14 27.19 -21.76
C ASP A 269 -13.13 27.35 -20.64
N SER A 270 -11.97 26.69 -20.77
CA SER A 270 -10.98 26.72 -19.70
C SER A 270 -10.25 28.04 -19.62
N THR A 271 -10.33 28.88 -20.66
CA THR A 271 -9.69 30.20 -20.57
C THR A 271 -10.38 31.10 -19.56
N GLU A 272 -11.59 30.74 -19.11
CA GLU A 272 -12.19 31.35 -17.93
C GLU A 272 -11.30 31.22 -16.69
N TRP A 273 -10.22 30.45 -16.75
CA TRP A 273 -9.30 30.27 -15.64
C TRP A 273 -8.73 31.59 -15.14
N ASN A 274 -8.80 31.82 -13.83
CA ASN A 274 -8.24 33.03 -13.24
C ASN A 274 -7.26 32.72 -12.11
N ASP A 275 -6.80 31.48 -12.01
CA ASP A 275 -5.69 31.08 -11.16
C ASP A 275 -5.91 31.33 -9.66
N PRO A 276 -6.82 30.59 -9.02
CA PRO A 276 -7.00 30.73 -7.57
C PRO A 276 -5.68 30.59 -6.83
N GLN A 277 -5.59 31.29 -5.70
CA GLN A 277 -4.36 31.34 -4.94
C GLN A 277 -4.55 30.61 -3.61
N TYR A 278 -3.46 30.09 -3.09
CA TYR A 278 -3.45 29.45 -1.79
C TYR A 278 -3.16 30.48 -0.73
N VAL A 279 -3.98 30.52 0.31
CA VAL A 279 -3.73 31.36 1.48
C VAL A 279 -3.80 30.50 2.73
N HIS A 280 -2.78 30.60 3.57
CA HIS A 280 -2.67 29.79 4.78
C HIS A 280 -3.61 30.31 5.88
N SER A 281 -3.95 29.40 6.79
CA SER A 281 -4.83 29.68 7.92
C SER A 281 -4.11 30.53 8.97
N PRO A 282 -4.86 31.19 9.84
CA PRO A 282 -4.25 31.90 10.97
C PRO A 282 -3.35 30.97 11.78
N ILE A 283 -2.26 31.52 12.27
CA ILE A 283 -1.32 30.83 13.17
C ILE A 283 -1.60 31.29 14.60
N VAL A 284 -1.66 30.34 15.53
CA VAL A 284 -1.63 30.65 16.97
C VAL A 284 -0.68 29.63 17.58
N LYS A 285 0.51 30.07 17.94
CA LYS A 285 1.54 29.15 18.38
C LYS A 285 1.19 28.51 19.72
N ALA A 286 1.44 27.20 19.80
CA ALA A 286 1.15 26.43 21.00
C ALA A 286 2.15 26.75 22.10
N GLU A 287 1.73 26.54 23.34
CA GLU A 287 2.60 26.62 24.50
C GLU A 287 3.76 25.63 24.40
N LYS A 288 4.76 25.84 25.25
CA LYS A 288 5.88 24.92 25.13
C LYS A 288 5.81 23.84 26.21
N PRO A 289 6.37 22.65 25.95
CA PRO A 289 6.46 21.66 27.01
C PRO A 289 7.36 22.19 28.11
N ASP A 290 7.03 21.84 29.36
CA ASP A 290 7.75 22.38 30.51
C ASP A 290 8.42 21.30 31.36
N GLY A 291 8.51 20.07 30.89
CA GLY A 291 9.11 19.04 31.71
C GLY A 291 8.11 18.16 32.44
N SER A 292 7.07 18.75 33.03
CA SER A 292 6.10 17.94 33.76
C SER A 292 5.37 16.98 32.83
N SER A 293 4.87 15.89 33.42
CA SER A 293 3.97 15.00 32.70
C SER A 293 3.13 14.25 33.73
N ARG A 294 1.84 14.13 33.44
CA ARG A 294 0.97 13.24 34.18
C ARG A 294 0.39 12.21 33.22
N PRO A 295 0.12 11.00 33.67
CA PRO A 295 -0.37 9.96 32.74
C PRO A 295 -1.74 10.32 32.18
N ALA A 296 -2.04 9.72 31.02
CA ALA A 296 -3.28 9.96 30.32
C ALA A 296 -4.49 9.58 31.17
N THR A 297 -5.62 10.23 30.93
CA THR A 297 -6.83 9.98 31.72
C THR A 297 -7.98 9.44 30.89
N GLU A 298 -7.73 9.03 29.65
CA GLU A 298 -8.75 8.61 28.70
C GLU A 298 -8.28 7.35 27.99
N GLU A 299 -9.18 6.40 27.80
CA GLU A 299 -8.86 5.20 27.04
C GLU A 299 -9.30 5.37 25.58
N ALA A 300 -8.53 4.78 24.67
CA ALA A 300 -8.86 4.83 23.25
C ALA A 300 -10.17 4.11 22.95
N VAL A 301 -10.93 4.63 22.00
CA VAL A 301 -12.12 3.94 21.52
C VAL A 301 -12.01 3.52 20.06
N HIS A 302 -11.10 4.09 19.28
CA HIS A 302 -10.93 3.68 17.88
C HIS A 302 -9.84 2.62 17.78
N LYS A 303 -9.95 1.78 16.76
CA LYS A 303 -9.09 0.62 16.61
C LYS A 303 -8.03 0.85 15.53
N SER A 304 -6.94 0.11 15.65
CA SER A 304 -5.96 0.06 14.57
C SER A 304 -6.65 -0.36 13.28
N SER A 305 -6.24 0.28 12.17
CA SER A 305 -6.88 0.09 10.89
C SER A 305 -5.99 -0.69 9.92
N TYR A 306 -4.90 -1.27 10.40
CA TYR A 306 -3.92 -2.01 9.61
C TYR A 306 -3.34 -3.10 10.49
N PRO A 307 -3.62 -4.39 10.22
CA PRO A 307 -3.07 -5.45 11.09
C PRO A 307 -1.55 -5.41 11.27
N LEU A 308 -0.81 -4.81 10.33
CA LEU A 308 0.64 -4.72 10.52
C LEU A 308 1.00 -4.01 11.82
N ASN A 309 0.28 -2.94 12.15
CA ASN A 309 0.60 -2.16 13.35
C ASN A 309 0.37 -2.98 14.61
N GLU A 310 -0.74 -3.70 14.69
CA GLU A 310 -0.98 -4.53 15.85
C GLU A 310 0.06 -5.64 15.94
N TYR A 311 0.45 -6.21 14.80
CA TYR A 311 1.50 -7.22 14.79
C TYR A 311 2.77 -6.66 15.40
N MET A 312 3.18 -5.47 14.95
CA MET A 312 4.39 -4.85 15.49
C MET A 312 4.20 -4.42 16.95
N LEU A 313 2.97 -4.08 17.35
CA LEU A 313 2.71 -3.70 18.74
C LEU A 313 2.91 -4.88 19.69
N ALA A 314 2.49 -6.08 19.28
CA ALA A 314 2.80 -7.26 20.06
C ALA A 314 4.30 -7.47 20.18
N ARG A 315 5.07 -6.82 19.32
CA ARG A 315 6.51 -6.98 19.25
C ARG A 315 7.25 -5.72 19.69
N GLY A 316 6.61 -4.90 20.54
CA GLY A 316 7.30 -3.85 21.27
C GLY A 316 7.22 -2.46 20.66
N PHE A 317 6.67 -2.30 19.46
CA PHE A 317 6.55 -1.01 18.79
C PHE A 317 5.21 -0.37 19.12
N ALA A 318 5.22 0.79 19.77
CA ALA A 318 3.97 1.52 19.95
C ALA A 318 3.42 1.95 18.60
N SER A 319 2.09 2.02 18.51
CA SER A 319 1.41 2.60 17.35
C SER A 319 0.64 3.82 17.81
N VAL A 320 0.74 4.91 17.06
CA VAL A 320 0.07 6.17 17.36
C VAL A 320 -0.83 6.54 16.20
N PHE A 321 -2.06 6.94 16.50
CA PHE A 321 -3.06 7.27 15.49
C PHE A 321 -3.65 8.64 15.79
N ALA A 322 -3.78 9.50 14.76
CA ALA A 322 -4.45 10.79 14.97
C ALA A 322 -5.11 11.25 13.70
N GLY A 323 -6.34 11.78 13.85
CA GLY A 323 -7.04 12.35 12.72
C GLY A 323 -6.57 13.74 12.36
N ALA A 324 -6.13 14.51 13.35
CA ALA A 324 -5.68 15.90 13.26
C ALA A 324 -6.86 16.86 13.17
N ILE A 325 -6.66 18.03 12.54
CA ILE A 325 -7.68 19.08 12.62
C ILE A 325 -8.98 18.59 11.97
N GLY A 326 -10.10 19.06 12.50
CA GLY A 326 -11.40 18.76 11.96
C GLY A 326 -12.03 17.43 12.38
N THR A 327 -11.26 16.52 13.01
CA THR A 327 -11.76 15.19 13.32
C THR A 327 -12.29 15.12 14.76
N ARG A 328 -12.84 13.96 15.13
CA ARG A 328 -13.56 13.87 16.39
C ARG A 328 -12.64 14.19 17.57
N GLY A 329 -13.22 14.87 18.57
CA GLY A 329 -12.49 15.29 19.76
C GLY A 329 -11.33 16.23 19.50
N SER A 330 -11.33 16.89 18.34
CA SER A 330 -10.25 17.77 17.94
C SER A 330 -10.86 19.08 17.48
N ASP A 331 -10.06 20.14 17.53
CA ASP A 331 -10.51 21.40 16.98
C ASP A 331 -10.29 21.42 15.47
N GLY A 332 -10.84 22.45 14.84
CA GLY A 332 -10.44 22.82 13.50
C GLY A 332 -11.37 22.33 12.42
N VAL A 333 -10.93 22.57 11.18
CA VAL A 333 -11.62 22.10 9.98
C VAL A 333 -10.62 21.36 9.11
N ARG A 334 -11.12 20.34 8.39
CA ARG A 334 -10.35 19.75 7.29
C ARG A 334 -10.16 20.79 6.18
N ILE A 335 -8.97 20.78 5.58
CA ILE A 335 -8.67 21.59 4.40
C ILE A 335 -7.90 20.70 3.40
N THR A 336 -8.64 19.97 2.57
CA THR A 336 -8.12 18.77 1.93
C THR A 336 -6.83 19.03 1.17
N GLY A 337 -5.76 18.34 1.56
CA GLY A 337 -4.49 18.40 0.88
C GLY A 337 -3.64 19.60 1.23
N ALA A 338 -4.16 20.51 2.07
CA ALA A 338 -3.49 21.77 2.36
C ALA A 338 -2.27 21.56 3.27
N PRO A 339 -1.38 22.55 3.31
CA PRO A 339 -0.29 22.53 4.30
C PRO A 339 -0.75 22.34 5.76
N GLU A 340 -1.91 22.89 6.11
CA GLU A 340 -2.40 22.74 7.48
C GLU A 340 -2.67 21.28 7.83
N GLU A 341 -3.02 20.47 6.84
CA GLU A 341 -3.19 19.04 7.09
C GLU A 341 -1.85 18.37 7.32
N THR A 342 -0.82 18.83 6.61
CA THR A 342 0.52 18.35 6.89
C THR A 342 0.98 18.80 8.28
N GLU A 343 0.77 20.07 8.62
CA GLU A 343 1.32 20.62 9.86
C GLU A 343 0.64 20.02 11.07
N SER A 344 -0.69 19.92 11.03
CA SER A 344 -1.37 19.33 12.18
C SER A 344 -0.96 17.87 12.33
N ALA A 345 -0.76 17.15 11.22
CA ALA A 345 -0.33 15.76 11.31
C ALA A 345 1.11 15.66 11.79
N ALA A 346 1.98 16.56 11.32
CA ALA A 346 3.36 16.53 11.80
C ALA A 346 3.48 16.90 13.28
N ALA A 347 2.51 17.67 13.80
CA ALA A 347 2.57 18.05 15.21
C ALA A 347 2.64 16.82 16.13
N VAL A 348 2.08 15.70 15.70
CA VAL A 348 2.09 14.49 16.53
C VAL A 348 3.50 13.91 16.61
N ILE A 349 4.27 13.98 15.53
CA ILE A 349 5.64 13.51 15.63
C ILE A 349 6.45 14.42 16.56
N GLU A 350 6.18 15.73 16.50
CA GLU A 350 6.93 16.65 17.36
C GLU A 350 6.68 16.37 18.83
N TRP A 351 5.42 16.09 19.20
CA TRP A 351 5.14 15.60 20.54
C TRP A 351 5.89 14.30 20.83
N LEU A 352 5.85 13.34 19.90
CA LEU A 352 6.52 12.05 20.14
C LEU A 352 8.03 12.20 20.33
N HIS A 353 8.63 13.18 19.65
CA HIS A 353 10.05 13.48 19.80
C HIS A 353 10.33 14.42 20.99
N GLY A 354 9.29 14.83 21.71
CA GLY A 354 9.46 15.63 22.89
C GLY A 354 9.67 17.11 22.64
N ASP A 355 9.22 17.63 21.51
CA ASP A 355 9.39 19.05 21.19
C ASP A 355 8.10 19.86 21.28
N ARG A 356 6.94 19.22 21.29
CA ARG A 356 5.67 19.90 21.33
C ARG A 356 4.85 19.37 22.50
N VAL A 357 3.97 20.24 23.04
CA VAL A 357 3.19 19.95 24.24
C VAL A 357 1.95 19.12 23.89
N ALA A 358 1.46 18.35 24.88
CA ALA A 358 0.17 17.69 24.82
C ALA A 358 -0.47 17.72 26.21
N TYR A 359 -1.81 17.60 26.24
CA TYR A 359 -2.58 17.66 27.48
C TYR A 359 -3.42 16.40 27.67
N THR A 360 -3.88 16.17 28.91
CA THR A 360 -4.68 15.01 29.24
C THR A 360 -6.13 15.16 28.77
N ASP A 361 -6.62 16.39 28.65
CA ASP A 361 -7.96 16.65 28.16
C ASP A 361 -7.96 18.04 27.54
N ARG A 362 -9.11 18.44 27.04
CA ARG A 362 -9.17 19.67 26.26
C ARG A 362 -9.28 20.92 27.14
N THR A 363 -9.19 20.80 28.46
CA THR A 363 -9.02 21.99 29.30
C THR A 363 -7.60 22.53 29.29
N ARG A 364 -6.64 21.81 28.70
CA ARG A 364 -5.25 22.24 28.59
C ARG A 364 -4.61 22.50 29.94
N THR A 365 -5.12 21.90 31.01
CA THR A 365 -4.61 22.16 32.35
C THR A 365 -3.42 21.30 32.75
N VAL A 366 -3.32 20.07 32.24
CA VAL A 366 -2.34 19.10 32.71
C VAL A 366 -1.54 18.59 31.51
N ARG A 367 -0.23 18.77 31.56
CA ARG A 367 0.64 18.36 30.48
C ARG A 367 1.01 16.87 30.57
N THR A 368 1.12 16.24 29.41
CA THR A 368 1.56 14.85 29.36
C THR A 368 2.55 14.69 28.21
N THR A 369 3.52 13.81 28.39
CA THR A 369 4.63 13.69 27.45
C THR A 369 4.70 12.30 26.85
N ALA A 370 5.45 12.20 25.75
CA ALA A 370 5.73 10.89 25.14
C ALA A 370 7.09 10.40 25.61
N ASP A 371 7.33 10.49 26.92
CA ASP A 371 8.63 10.08 27.44
C ASP A 371 8.84 8.56 27.39
N TRP A 372 7.80 7.79 27.03
CA TRP A 372 7.95 6.36 26.78
C TRP A 372 8.65 6.07 25.46
N CYS A 373 8.83 7.09 24.62
CA CYS A 373 9.27 6.90 23.24
C CYS A 373 10.76 7.13 23.16
N ASN A 374 11.46 6.26 22.40
CA ASN A 374 12.90 6.38 22.25
C ASN A 374 13.30 7.42 21.22
N GLY A 375 12.36 8.23 20.73
CA GLY A 375 12.67 9.30 19.81
C GLY A 375 12.75 8.91 18.34
N ASN A 376 12.50 7.65 18.00
CA ASN A 376 12.54 7.18 16.62
C ASN A 376 11.14 6.84 16.17
N ILE A 377 10.68 7.50 15.10
CA ILE A 377 9.31 7.38 14.62
C ILE A 377 9.34 6.94 13.17
N GLY A 378 8.51 5.95 12.84
CA GLY A 378 8.22 5.60 11.45
C GLY A 378 6.74 5.77 11.19
N MET A 379 6.34 5.84 9.92
CA MET A 379 4.91 5.99 9.61
C MET A 379 4.39 4.77 8.83
N THR A 380 3.07 4.57 8.94
CA THR A 380 2.39 3.41 8.38
C THR A 380 1.03 3.83 7.86
N GLY A 381 0.46 3.02 6.96
CA GLY A 381 -0.90 3.25 6.51
C GLY A 381 -1.05 3.61 5.04
N ARG A 382 -2.24 3.44 4.49
CA ARG A 382 -2.44 3.58 3.06
C ARG A 382 -3.43 4.70 2.74
N SER A 383 -3.41 5.11 1.46
CA SER A 383 -4.35 6.08 0.94
C SER A 383 -4.10 7.45 1.58
N TYR A 384 -5.12 8.07 2.18
CA TYR A 384 -4.92 9.35 2.87
C TYR A 384 -3.77 9.26 3.87
N LEU A 385 -3.66 8.08 4.53
CA LEU A 385 -2.61 7.82 5.51
C LEU A 385 -1.22 7.75 4.85
N GLY A 386 -1.12 7.20 3.64
CA GLY A 386 0.17 7.16 2.97
C GLY A 386 0.50 8.47 2.28
N THR A 387 -0.54 9.18 1.83
CA THR A 387 -0.40 10.55 1.34
C THR A 387 0.26 11.46 2.38
N LEU A 388 -0.28 11.51 3.60
CA LEU A 388 0.30 12.37 4.63
C LEU A 388 1.72 11.96 5.03
N GLN A 389 2.14 10.71 4.79
CA GLN A 389 3.53 10.37 5.04
C GLN A 389 4.48 11.07 4.08
N ILE A 390 4.11 11.13 2.80
CA ILE A 390 4.89 11.91 1.83
C ILE A 390 4.96 13.38 2.25
N ALA A 391 3.80 13.96 2.62
CA ALA A 391 3.75 15.36 3.03
C ALA A 391 4.66 15.62 4.23
N ILE A 392 4.48 14.85 5.29
CA ILE A 392 5.28 15.06 6.49
C ILE A 392 6.76 14.82 6.23
N ALA A 393 7.09 13.85 5.38
CA ALA A 393 8.49 13.56 5.10
C ALA A 393 9.21 14.77 4.50
N THR A 394 8.54 15.53 3.63
CA THR A 394 9.18 16.70 3.01
C THR A 394 9.51 17.79 4.02
N THR A 395 8.89 17.79 5.20
CA THR A 395 9.24 18.78 6.21
C THR A 395 10.51 18.42 6.98
N GLY A 396 11.05 17.23 6.80
CA GLY A 396 12.24 16.86 7.54
C GLY A 396 12.06 16.88 9.04
N VAL A 397 10.83 16.73 9.53
CA VAL A 397 10.56 16.78 10.96
C VAL A 397 11.50 15.88 11.74
N LYS A 398 12.04 16.41 12.84
CA LYS A 398 12.98 15.65 13.68
C LYS A 398 12.27 14.49 14.36
N GLY A 399 12.88 13.31 14.29
CA GLY A 399 12.32 12.08 14.84
C GLY A 399 11.80 11.10 13.80
N LEU A 400 11.33 11.60 12.64
CA LEU A 400 10.80 10.74 11.59
C LEU A 400 11.94 10.06 10.86
N LYS A 401 12.15 8.78 11.15
CA LYS A 401 13.28 8.03 10.60
C LYS A 401 12.97 7.31 9.30
N THR A 402 11.71 6.90 9.11
CA THR A 402 11.36 6.14 7.92
C THR A 402 9.86 6.20 7.72
N VAL A 403 9.42 6.06 6.47
CA VAL A 403 8.01 5.97 6.11
C VAL A 403 7.79 4.69 5.29
N VAL A 404 6.64 4.08 5.49
CA VAL A 404 6.14 3.01 4.62
C VAL A 404 4.84 3.56 4.04
N SER A 405 4.96 4.29 2.93
CA SER A 405 3.86 5.07 2.36
C SER A 405 3.08 4.19 1.36
N GLU A 406 1.83 3.87 1.69
CA GLU A 406 1.06 2.91 0.92
C GLU A 406 -0.07 3.60 0.20
N ALA A 407 -0.26 3.23 -1.07
CA ALA A 407 -1.36 3.67 -1.93
C ALA A 407 -1.57 5.19 -1.83
N ALA A 408 -0.49 5.94 -2.01
CA ALA A 408 -0.44 7.34 -1.60
C ALA A 408 -0.56 8.30 -2.76
N ILE A 409 -1.22 9.43 -2.49
CA ILE A 409 -1.21 10.60 -3.36
C ILE A 409 0.05 11.39 -3.07
N SER A 410 0.80 11.72 -4.12
CA SER A 410 1.96 12.59 -3.94
C SER A 410 1.72 14.00 -4.44
N SER A 411 0.55 14.27 -5.01
CA SER A 411 0.19 15.62 -5.47
C SER A 411 -1.32 15.61 -5.66
N TRP A 412 -2.03 16.49 -4.95
CA TRP A 412 -3.48 16.36 -4.88
C TRP A 412 -4.16 16.69 -6.21
N TYR A 413 -3.54 17.55 -7.03
CA TYR A 413 -4.07 17.76 -8.37
C TYR A 413 -4.18 16.43 -9.12
N ASP A 414 -3.21 15.53 -8.91
CA ASP A 414 -3.19 14.20 -9.52
C ASP A 414 -4.20 13.24 -8.93
N TYR A 415 -5.02 13.65 -7.95
CA TYR A 415 -6.06 12.76 -7.48
C TYR A 415 -7.42 13.10 -8.06
N TYR A 416 -7.64 14.35 -8.46
CA TYR A 416 -8.93 14.75 -8.99
C TYR A 416 -8.84 15.42 -10.37
N ARG A 417 -7.64 15.52 -10.94
CA ARG A 417 -7.42 16.21 -12.21
C ARG A 417 -6.33 15.50 -13.00
N GLU A 418 -6.28 15.82 -14.29
CA GLU A 418 -5.17 15.35 -15.14
C GLU A 418 -5.14 16.17 -16.42
N HIS A 419 -3.97 16.69 -16.75
CA HIS A 419 -3.73 17.38 -18.03
C HIS A 419 -4.83 18.40 -18.33
N GLY A 420 -5.10 19.26 -17.35
CA GLY A 420 -6.10 20.29 -17.54
C GLY A 420 -7.54 19.83 -17.44
N SER A 421 -7.81 18.57 -17.15
CA SER A 421 -9.18 18.08 -17.15
C SER A 421 -9.56 17.52 -15.77
N VAL A 422 -10.86 17.47 -15.52
CA VAL A 422 -11.42 16.97 -14.27
C VAL A 422 -11.59 15.46 -14.42
N ILE A 423 -10.80 14.70 -13.66
CA ILE A 423 -10.71 13.24 -13.80
C ILE A 423 -10.91 12.59 -12.43
N ALA A 424 -11.97 11.79 -12.29
CA ALA A 424 -12.35 11.22 -11.01
C ALA A 424 -11.44 10.05 -10.62
N PRO A 425 -11.37 9.73 -9.33
CA PRO A 425 -10.95 8.39 -8.94
C PRO A 425 -12.04 7.40 -9.30
N GLU A 426 -11.64 6.14 -9.46
CA GLU A 426 -12.60 5.11 -9.81
C GLU A 426 -13.74 5.05 -8.78
N ALA A 427 -14.97 5.04 -9.28
CA ALA A 427 -16.18 5.00 -8.45
C ALA A 427 -16.34 6.25 -7.58
N CYS A 428 -15.64 7.34 -7.88
CA CYS A 428 -15.75 8.58 -7.12
C CYS A 428 -16.02 9.75 -8.05
N GLN A 429 -16.94 9.55 -8.99
CA GLN A 429 -17.34 10.63 -9.90
C GLN A 429 -17.93 11.80 -9.11
N GLY A 430 -17.43 13.00 -9.36
CA GLY A 430 -17.97 14.17 -8.68
C GLY A 430 -17.37 14.45 -7.34
N GLU A 431 -16.54 13.54 -6.81
CA GLU A 431 -15.81 13.81 -5.59
C GLU A 431 -14.74 14.88 -5.83
N ASP A 432 -14.48 15.70 -4.81
CA ASP A 432 -13.44 16.71 -4.92
C ASP A 432 -12.96 17.06 -3.52
N LEU A 433 -12.09 18.08 -3.43
CA LEU A 433 -11.55 18.49 -2.14
C LEU A 433 -12.66 18.76 -1.11
N ASP A 434 -13.73 19.46 -1.52
CA ASP A 434 -14.75 19.82 -0.55
C ASP A 434 -15.50 18.59 -0.03
N LEU A 435 -15.73 17.58 -0.88
CA LEU A 435 -16.36 16.35 -0.42
C LEU A 435 -15.47 15.63 0.59
N LEU A 436 -14.17 15.49 0.26
CA LEU A 436 -13.25 14.78 1.12
C LEU A 436 -13.02 15.51 2.43
N ALA A 437 -13.09 16.84 2.42
CA ALA A 437 -13.03 17.61 3.66
C ALA A 437 -14.18 17.23 4.59
N GLU A 438 -15.42 17.29 4.10
CA GLU A 438 -16.55 16.91 4.94
C GLU A 438 -16.43 15.47 5.42
N THR A 439 -16.01 14.57 4.52
CA THR A 439 -15.90 13.15 4.85
C THR A 439 -15.16 12.95 6.17
N CYS A 440 -14.06 13.68 6.37
CA CYS A 440 -13.24 13.56 7.55
C CYS A 440 -13.52 14.64 8.59
N GLN A 441 -14.62 15.39 8.44
CA GLN A 441 -14.95 16.45 9.41
C GLN A 441 -15.72 15.85 10.59
N SER A 442 -15.07 14.90 11.27
CA SER A 442 -15.81 14.08 12.22
C SER A 442 -16.04 14.76 13.58
N ASN A 443 -15.43 15.92 13.86
CA ASN A 443 -15.83 16.60 15.10
C ASN A 443 -17.26 17.10 15.03
N LEU A 444 -17.88 17.12 13.84
CA LEU A 444 -19.31 17.41 13.76
C LEU A 444 -20.14 16.38 14.50
N TRP A 445 -19.61 15.16 14.67
CA TRP A 445 -20.32 14.10 15.40
C TRP A 445 -20.43 14.40 16.88
N ASP A 446 -19.58 15.28 17.41
CA ASP A 446 -19.75 15.79 18.77
C ASP A 446 -20.73 16.95 18.66
N ALA A 447 -21.97 16.74 19.10
CA ALA A 447 -23.00 17.75 18.86
C ALA A 447 -22.74 19.03 19.64
N GLY A 448 -21.99 18.94 20.75
CA GLY A 448 -21.65 20.15 21.48
C GLY A 448 -20.69 21.01 20.71
N SER A 449 -19.71 20.40 20.04
CA SER A 449 -18.81 21.14 19.19
C SER A 449 -19.45 21.54 17.87
N TYR A 450 -20.50 20.83 17.44
CA TYR A 450 -21.17 21.14 16.20
C TYR A 450 -21.63 22.60 16.19
N LEU A 451 -22.22 23.05 17.30
CA LEU A 451 -22.66 24.44 17.45
C LEU A 451 -21.60 25.41 16.95
N LYS A 452 -20.34 25.17 17.34
CA LYS A 452 -19.23 26.06 17.03
C LYS A 452 -18.59 25.77 15.68
N ILE A 453 -18.48 24.49 15.29
CA ILE A 453 -17.68 24.10 14.12
C ILE A 453 -18.49 24.22 12.83
N LYS A 454 -19.78 23.91 12.87
CA LYS A 454 -20.63 23.97 11.69
C LYS A 454 -20.48 25.26 10.87
N PRO A 455 -20.50 26.47 11.46
CA PRO A 455 -20.23 27.67 10.63
C PRO A 455 -18.82 27.71 10.03
N GLU A 456 -17.81 27.25 10.77
CA GLU A 456 -16.46 27.24 10.22
C GLU A 456 -16.34 26.22 9.09
N TYR A 457 -17.02 25.08 9.23
CA TYR A 457 -17.04 24.08 8.16
C TYR A 457 -17.73 24.63 6.90
N ASP A 458 -18.82 25.37 7.09
CA ASP A 458 -19.50 25.96 5.95
C ASP A 458 -18.61 26.94 5.20
N LYS A 459 -17.89 27.80 5.93
CA LYS A 459 -17.00 28.75 5.27
C LYS A 459 -15.94 28.03 4.46
N MET A 460 -15.36 26.96 5.02
CA MET A 460 -14.36 26.20 4.29
C MET A 460 -14.95 25.48 3.09
N GLN A 461 -16.24 25.07 3.17
CA GLN A 461 -16.85 24.43 2.02
C GLN A 461 -16.92 25.40 0.85
N LYS A 462 -17.29 26.65 1.13
CA LYS A 462 -17.40 27.66 0.07
C LYS A 462 -16.03 27.95 -0.53
N GLN A 463 -15.00 28.07 0.31
CA GLN A 463 -13.66 28.34 -0.20
C GLN A 463 -13.10 27.18 -1.02
N LEU A 464 -13.27 25.94 -0.54
CA LEU A 464 -12.78 24.79 -1.30
C LEU A 464 -13.52 24.62 -2.62
N ARG A 465 -14.86 24.68 -2.60
CA ARG A 465 -15.64 24.56 -3.82
C ARG A 465 -15.21 25.59 -4.86
N GLU A 466 -14.93 26.82 -4.43
CA GLU A 466 -14.53 27.86 -5.37
C GLU A 466 -13.11 27.64 -5.88
N LYS A 467 -12.17 27.46 -4.97
CA LYS A 467 -10.78 27.38 -5.38
C LYS A 467 -10.44 26.09 -6.13
N GLU A 468 -11.16 24.99 -5.88
CA GLU A 468 -10.82 23.74 -6.59
C GLU A 468 -11.06 23.86 -8.09
N ASP A 469 -11.94 24.77 -8.51
CA ASP A 469 -12.11 25.14 -9.91
C ASP A 469 -12.38 23.92 -10.79
N ARG A 470 -13.56 23.35 -10.56
CA ARG A 470 -14.03 22.27 -11.40
C ARG A 470 -14.49 22.78 -12.75
N ASN A 471 -14.76 24.08 -12.88
CA ASN A 471 -15.21 24.62 -14.15
C ASN A 471 -14.15 24.47 -15.23
N THR A 472 -12.89 24.78 -14.92
CA THR A 472 -11.84 24.81 -15.94
C THR A 472 -10.89 23.62 -15.92
N GLY A 473 -10.80 22.88 -14.83
CA GLY A 473 -9.90 21.75 -14.73
C GLY A 473 -8.42 22.10 -14.61
N GLN A 474 -8.08 23.38 -14.54
CA GLN A 474 -6.70 23.82 -14.66
C GLN A 474 -5.93 23.71 -13.34
N TYR A 475 -4.61 23.58 -13.45
CA TYR A 475 -3.71 23.78 -12.33
C TYR A 475 -3.78 25.25 -11.89
N SER A 476 -3.22 25.52 -10.71
CA SER A 476 -3.24 26.88 -10.15
C SER A 476 -2.26 26.94 -9.00
N ASP A 477 -1.98 28.18 -8.56
CA ASP A 477 -1.20 28.36 -7.34
C ASP A 477 -1.85 27.61 -6.19
N PHE A 478 -3.18 27.59 -6.14
CA PHE A 478 -3.91 26.85 -5.10
C PHE A 478 -3.59 25.36 -5.16
N TRP A 479 -3.75 24.73 -6.33
CA TRP A 479 -3.40 23.31 -6.46
C TRP A 479 -1.93 23.06 -6.13
N GLU A 480 -1.06 23.98 -6.55
CA GLU A 480 0.36 23.84 -6.31
C GLU A 480 0.68 23.66 -4.82
N ALA A 481 -0.16 24.20 -3.94
CA ALA A 481 0.08 24.03 -2.51
C ALA A 481 -0.02 22.58 -2.08
N GLY A 482 -0.70 21.75 -2.86
CA GLY A 482 -0.82 20.34 -2.54
C GLY A 482 0.10 19.44 -3.34
N ASN A 483 1.13 20.00 -3.95
CA ASN A 483 2.10 19.23 -4.71
C ASN A 483 3.32 18.94 -3.85
N TYR A 484 3.30 17.80 -3.16
CA TYR A 484 4.42 17.46 -2.29
C TYR A 484 5.71 17.26 -3.08
N ARG A 485 5.61 16.88 -4.36
CA ARG A 485 6.82 16.53 -5.10
C ARG A 485 7.74 17.72 -5.27
N HIS A 486 7.22 18.93 -5.23
CA HIS A 486 8.04 20.13 -5.35
C HIS A 486 8.77 20.48 -4.05
N HIS A 487 8.58 19.71 -2.98
CA HIS A 487 9.41 19.86 -1.79
C HIS A 487 10.14 18.58 -1.46
N ALA A 488 10.35 17.72 -2.48
CA ALA A 488 11.02 16.44 -2.25
C ALA A 488 12.42 16.65 -1.68
N ASP A 489 13.05 17.79 -1.95
CA ASP A 489 14.35 18.11 -1.36
C ASP A 489 14.32 18.14 0.15
N GLY A 490 13.15 18.26 0.77
CA GLY A 490 13.09 18.29 2.22
C GLY A 490 13.17 16.95 2.91
N ILE A 491 13.05 15.86 2.16
CA ILE A 491 12.96 14.52 2.73
C ILE A 491 14.31 14.12 3.32
N LYS A 492 14.29 13.67 4.58
CA LYS A 492 15.49 13.22 5.25
C LYS A 492 15.42 11.77 5.69
N CYS A 493 14.24 11.16 5.68
CA CYS A 493 13.99 9.82 6.20
C CYS A 493 14.20 8.78 5.11
N SER A 494 14.49 7.55 5.55
CA SER A 494 14.48 6.44 4.60
C SER A 494 13.05 6.16 4.15
N TRP A 495 12.90 5.37 3.08
CA TRP A 495 11.69 5.43 2.26
C TRP A 495 11.28 4.06 1.72
N ILE A 496 10.05 3.65 2.05
CA ILE A 496 9.39 2.51 1.42
C ILE A 496 8.07 3.01 0.84
N SER A 497 7.84 2.75 -0.45
CA SER A 497 6.54 2.97 -1.04
C SER A 497 5.88 1.65 -1.42
N VAL A 498 4.55 1.57 -1.20
CA VAL A 498 3.73 0.43 -1.58
C VAL A 498 2.57 0.96 -2.41
N HIS A 499 2.31 0.31 -3.55
CA HIS A 499 1.23 0.70 -4.44
C HIS A 499 0.74 -0.47 -5.27
N GLY A 500 -0.57 -0.53 -5.49
CA GLY A 500 -1.14 -1.52 -6.38
C GLY A 500 -1.16 -1.07 -7.83
N LEU A 501 -0.62 -1.92 -8.71
CA LEU A 501 -0.53 -1.57 -10.12
C LEU A 501 -1.91 -1.36 -10.74
N ASN A 502 -2.96 -1.93 -10.15
CA ASN A 502 -4.32 -1.75 -10.66
C ASN A 502 -5.17 -0.82 -9.81
N ASP A 503 -4.54 0.06 -9.04
CA ASP A 503 -5.24 1.05 -8.21
C ASP A 503 -5.71 2.18 -9.11
N TRP A 504 -7.00 2.19 -9.46
CA TRP A 504 -7.53 3.29 -10.25
C TRP A 504 -8.28 4.29 -9.39
N ASN A 505 -8.10 4.20 -8.05
CA ASN A 505 -8.54 5.18 -7.08
C ASN A 505 -7.41 6.18 -6.86
N VAL A 506 -6.38 5.80 -6.11
CA VAL A 506 -5.12 6.57 -6.09
C VAL A 506 -4.24 6.02 -7.21
N LYS A 507 -4.23 6.72 -8.34
CA LYS A 507 -3.66 6.18 -9.56
C LYS A 507 -2.14 6.12 -9.47
N PRO A 508 -1.52 5.17 -10.18
CA PRO A 508 -0.10 4.86 -9.94
C PRO A 508 0.85 5.96 -10.34
N LYS A 509 0.42 6.91 -11.15
CA LYS A 509 1.24 8.09 -11.44
C LYS A 509 1.81 8.70 -10.16
N ASN A 510 1.01 8.70 -9.09
CA ASN A 510 1.43 9.32 -7.83
C ASN A 510 2.73 8.71 -7.32
N VAL A 511 2.80 7.38 -7.28
CA VAL A 511 3.99 6.75 -6.70
C VAL A 511 5.15 6.83 -7.66
N TYR A 512 4.88 6.72 -8.97
CA TYR A 512 5.93 6.76 -9.98
C TYR A 512 6.71 8.07 -9.89
N LYS A 513 5.99 9.19 -9.83
CA LYS A 513 6.63 10.51 -9.92
C LYS A 513 7.38 10.85 -8.63
N ILE A 514 6.87 10.44 -7.47
CA ILE A 514 7.66 10.62 -6.26
C ILE A 514 8.85 9.68 -6.25
N TRP A 515 8.70 8.47 -6.81
CA TRP A 515 9.83 7.54 -6.84
C TRP A 515 11.00 8.09 -7.65
N GLN A 516 10.72 8.75 -8.79
CA GLN A 516 11.78 9.31 -9.63
C GLN A 516 12.62 10.34 -8.85
N LEU A 517 12.00 11.07 -7.92
CA LEU A 517 12.75 12.00 -7.09
C LEU A 517 13.46 11.27 -5.94
N VAL A 518 12.72 10.42 -5.23
CA VAL A 518 13.25 9.76 -4.05
C VAL A 518 14.39 8.82 -4.39
N LYS A 519 14.32 8.14 -5.53
CA LYS A 519 15.36 7.18 -5.89
C LYS A 519 16.71 7.85 -6.06
N LYS A 520 16.71 9.16 -6.37
CA LYS A 520 17.94 9.91 -6.57
C LYS A 520 18.64 10.27 -5.27
N MET A 521 17.93 10.19 -4.13
CA MET A 521 18.41 10.72 -2.87
C MET A 521 19.30 9.74 -2.12
N PRO A 522 20.14 10.24 -1.19
CA PRO A 522 21.13 9.37 -0.54
C PRO A 522 20.56 8.36 0.44
N MET A 523 19.36 8.57 0.95
CA MET A 523 18.86 7.63 1.94
CA MET A 523 18.77 7.67 1.93
C MET A 523 18.36 6.35 1.26
N LYS A 524 18.26 5.28 2.06
CA LYS A 524 17.87 3.98 1.55
C LYS A 524 16.40 3.96 1.17
N HIS A 525 16.07 3.26 0.08
CA HIS A 525 14.72 3.31 -0.48
C HIS A 525 14.35 2.02 -1.21
N HIS A 526 13.09 1.61 -1.04
CA HIS A 526 12.48 0.44 -1.65
C HIS A 526 11.11 0.79 -2.20
N LEU A 527 10.62 -0.05 -3.12
CA LEU A 527 9.31 0.11 -3.73
C LEU A 527 8.70 -1.28 -3.94
N PHE A 528 7.42 -1.41 -3.57
CA PHE A 528 6.63 -2.63 -3.73
C PHE A 528 5.44 -2.30 -4.61
N LEU A 529 5.29 -3.03 -5.72
CA LEU A 529 4.14 -2.90 -6.62
C LEU A 529 3.45 -4.25 -6.72
N HIS A 530 2.19 -4.31 -6.32
CA HIS A 530 1.43 -5.55 -6.31
C HIS A 530 0.29 -5.49 -7.32
N GLN A 531 -0.37 -6.62 -7.52
CA GLN A 531 -1.37 -6.70 -8.56
C GLN A 531 -2.74 -6.26 -8.09
N GLY A 532 -2.83 -5.71 -6.87
CA GLY A 532 -4.10 -5.28 -6.32
C GLY A 532 -4.50 -3.91 -6.79
N PRO A 533 -5.73 -3.53 -6.49
CA PRO A 533 -6.11 -2.13 -6.66
C PRO A 533 -5.82 -1.36 -5.37
N HIS A 534 -6.83 -0.65 -4.84
CA HIS A 534 -6.65 0.13 -3.60
C HIS A 534 -6.71 -0.84 -2.42
N TYR A 535 -5.59 -1.48 -2.14
CA TYR A 535 -5.63 -2.73 -1.38
C TYR A 535 -4.26 -3.03 -0.81
N ASN A 536 -4.23 -3.72 0.35
CA ASN A 536 -2.98 -4.00 1.04
C ASN A 536 -2.29 -5.25 0.49
N MET A 537 -1.02 -5.43 0.90
CA MET A 537 -0.25 -6.61 0.49
C MET A 537 0.57 -7.20 1.64
N ASN A 538 0.12 -7.01 2.89
CA ASN A 538 0.86 -7.43 4.09
C ASN A 538 0.62 -8.88 4.49
N ASN A 539 -0.25 -9.60 3.78
CA ASN A 539 -0.75 -10.90 4.21
C ASN A 539 -0.85 -11.87 3.02
N LEU A 540 0.04 -11.74 2.05
CA LEU A 540 -0.04 -12.53 0.84
C LEU A 540 0.77 -13.83 0.97
N VAL A 541 0.38 -14.81 0.15
CA VAL A 541 1.18 -16.03 0.02
C VAL A 541 2.56 -15.70 -0.55
N SER A 542 2.60 -14.86 -1.58
CA SER A 542 3.75 -14.83 -2.46
C SER A 542 4.90 -13.96 -1.96
N ILE A 543 4.77 -13.26 -0.84
CA ILE A 543 5.85 -12.38 -0.40
C ILE A 543 5.71 -12.12 1.09
N ASP A 544 6.84 -12.20 1.81
CA ASP A 544 6.84 -12.01 3.26
C ASP A 544 7.08 -10.53 3.58
N PHE A 545 6.06 -9.73 3.22
CA PHE A 545 6.15 -8.28 3.40
C PHE A 545 6.21 -7.91 4.88
N THR A 546 5.32 -8.51 5.69
CA THR A 546 5.33 -8.24 7.12
C THR A 546 6.69 -8.52 7.74
N ASP A 547 7.34 -9.63 7.36
CA ASP A 547 8.63 -9.95 7.95
C ASP A 547 9.71 -8.98 7.48
N LEU A 548 9.63 -8.57 6.21
CA LEU A 548 10.53 -7.53 5.73
C LEU A 548 10.33 -6.23 6.52
N MET A 549 9.09 -5.83 6.76
CA MET A 549 8.91 -4.59 7.52
C MET A 549 9.41 -4.74 8.96
N ASN A 550 9.27 -5.92 9.57
CA ASN A 550 9.79 -6.17 10.90
C ASN A 550 11.29 -5.92 10.93
N LEU A 551 12.01 -6.59 10.02
CA LEU A 551 13.45 -6.36 9.86
C LEU A 551 13.76 -4.88 9.61
N TRP A 552 12.95 -4.25 8.77
CA TRP A 552 13.18 -2.84 8.44
C TRP A 552 13.00 -1.95 9.66
N PHE A 553 11.84 -2.06 10.33
CA PHE A 553 11.56 -1.21 11.49
C PHE A 553 12.58 -1.43 12.60
N VAL A 554 13.10 -2.66 12.76
CA VAL A 554 14.10 -2.91 13.78
C VAL A 554 15.41 -2.20 13.44
N HIS A 555 15.82 -2.27 12.18
CA HIS A 555 17.02 -1.55 11.76
C HIS A 555 16.84 -0.04 11.89
N GLU A 556 15.72 0.50 11.42
CA GLU A 556 15.57 1.95 11.31
C GLU A 556 15.16 2.63 12.60
N LEU A 557 14.53 1.92 13.53
CA LEU A 557 13.97 2.52 14.72
C LEU A 557 14.57 1.99 16.01
N LEU A 558 15.23 0.82 15.97
CA LEU A 558 16.01 0.33 17.10
C LEU A 558 17.51 0.39 16.83
N GLY A 559 17.91 0.76 15.63
CA GLY A 559 19.33 0.88 15.33
C GLY A 559 20.09 -0.41 15.46
N ILE A 560 19.44 -1.53 15.22
CA ILE A 560 20.07 -2.85 15.27
C ILE A 560 20.62 -3.17 13.90
N GLU A 561 21.87 -3.64 13.84
CA GLU A 561 22.48 -3.98 12.56
C GLU A 561 22.08 -5.40 12.20
N ASN A 562 20.97 -5.54 11.46
CA ASN A 562 20.39 -6.83 11.13
C ASN A 562 20.34 -7.07 9.63
N ASN A 563 21.19 -6.37 8.86
CA ASN A 563 21.36 -6.55 7.42
C ASN A 563 20.18 -6.00 6.59
N ALA A 564 19.31 -5.20 7.21
CA ALA A 564 18.13 -4.69 6.49
C ALA A 564 18.50 -3.89 5.26
N TYR A 565 19.62 -3.17 5.29
CA TYR A 565 20.03 -2.38 4.14
C TYR A 565 20.64 -3.24 3.02
N ASN A 566 20.84 -4.54 3.24
CA ASN A 566 21.36 -5.41 2.20
C ASN A 566 20.45 -6.61 1.92
N GLN A 567 19.23 -6.62 2.45
CA GLN A 567 18.50 -7.87 2.52
C GLN A 567 17.75 -8.20 1.22
N TRP A 568 17.14 -7.22 0.55
CA TRP A 568 16.26 -7.54 -0.57
C TRP A 568 16.34 -6.44 -1.63
N PRO A 569 15.78 -6.68 -2.83
CA PRO A 569 16.01 -5.75 -3.95
C PRO A 569 15.27 -4.42 -3.80
N THR A 570 15.77 -3.42 -4.53
CA THR A 570 15.20 -2.08 -4.44
C THR A 570 13.71 -2.10 -4.77
N VAL A 571 13.37 -2.61 -5.94
CA VAL A 571 11.99 -2.64 -6.43
C VAL A 571 11.55 -4.09 -6.54
N MET A 572 10.40 -4.41 -5.97
CA MET A 572 9.77 -5.72 -6.11
C MET A 572 8.43 -5.53 -6.81
N ILE A 573 8.23 -6.20 -7.95
CA ILE A 573 7.04 -6.00 -8.78
C ILE A 573 6.35 -7.33 -9.01
N GLN A 574 5.15 -7.49 -8.47
CA GLN A 574 4.37 -8.70 -8.66
C GLN A 574 3.94 -8.85 -10.11
N ASP A 575 4.08 -10.07 -10.63
CA ASP A 575 3.77 -10.37 -12.01
C ASP A 575 2.26 -10.47 -12.23
N ASN A 576 1.80 -9.97 -13.37
CA ASN A 576 0.37 -10.00 -13.70
C ASN A 576 -0.09 -11.29 -14.34
N LEU A 577 0.83 -12.18 -14.74
CA LEU A 577 0.47 -13.49 -15.30
C LEU A 577 0.57 -14.62 -14.27
N GLN A 578 1.59 -14.59 -13.41
CA GLN A 578 1.76 -15.55 -12.31
C GLN A 578 1.84 -14.77 -10.99
N ALA A 579 0.82 -14.92 -10.15
CA ALA A 579 0.73 -14.10 -8.95
C ALA A 579 1.87 -14.35 -7.98
N ASP A 580 2.50 -15.55 -8.04
CA ASP A 580 3.61 -15.88 -7.15
C ASP A 580 4.96 -15.69 -7.81
N LYS A 581 5.04 -14.89 -8.87
CA LYS A 581 6.30 -14.41 -9.43
C LYS A 581 6.46 -12.94 -9.10
N TRP A 582 7.57 -12.59 -8.43
CA TRP A 582 7.87 -11.21 -8.08
C TRP A 582 9.14 -10.79 -8.81
N HIS A 583 9.04 -9.76 -9.65
CA HIS A 583 10.19 -9.29 -10.41
C HIS A 583 11.10 -8.43 -9.52
N GLU A 584 12.39 -8.73 -9.54
CA GLU A 584 13.39 -7.92 -8.84
C GLU A 584 14.01 -6.98 -9.83
N GLU A 585 13.86 -5.67 -9.61
CA GLU A 585 14.32 -4.63 -10.52
C GLU A 585 15.06 -3.55 -9.75
N PRO A 586 16.04 -2.90 -10.38
CA PRO A 586 16.76 -1.80 -9.72
C PRO A 586 15.98 -0.50 -9.69
N ASP A 587 14.93 -0.37 -10.49
CA ASP A 587 14.21 0.88 -10.62
C ASP A 587 12.81 0.56 -11.12
N TRP A 588 12.00 1.60 -11.27
CA TRP A 588 10.75 1.57 -12.03
C TRP A 588 10.78 2.84 -12.87
N SER A 589 11.01 2.69 -14.18
CA SER A 589 11.24 3.82 -15.07
C SER A 589 11.24 3.28 -16.49
N ASN A 590 11.20 4.19 -17.46
CA ASN A 590 11.29 3.74 -18.85
C ASN A 590 12.60 3.02 -19.11
N ASP A 591 13.64 3.34 -18.30
CA ASP A 591 14.99 2.78 -18.45
C ASP A 591 15.06 1.28 -18.22
N LEU A 592 13.99 0.65 -17.75
CA LEU A 592 13.99 -0.81 -17.61
C LEU A 592 13.86 -1.48 -18.98
N GLY A 593 13.27 -0.80 -19.96
CA GLY A 593 13.08 -1.37 -21.27
C GLY A 593 13.65 -0.51 -22.39
N GLN A 594 13.26 -0.82 -23.62
CA GLN A 594 13.72 -0.10 -24.80
C GLN A 594 12.54 0.51 -25.53
N GLU A 595 12.81 1.61 -26.21
CA GLU A 595 11.76 2.41 -26.83
C GLU A 595 11.13 1.69 -28.01
N LYS A 596 9.80 1.67 -28.06
CA LYS A 596 9.05 1.16 -29.20
C LYS A 596 7.96 2.17 -29.53
N ILE A 597 7.65 2.28 -30.81
CA ILE A 597 6.61 3.18 -31.30
C ILE A 597 5.71 2.39 -32.24
N TYR A 598 4.41 2.53 -32.04
CA TYR A 598 3.43 1.89 -32.90
C TYR A 598 2.59 2.97 -33.58
N TYR A 599 2.29 2.76 -34.87
CA TYR A 599 1.52 3.77 -35.58
C TYR A 599 0.21 3.17 -36.05
N PRO A 600 -0.88 3.93 -35.98
CA PRO A 600 -2.16 3.43 -36.50
C PRO A 600 -2.14 3.26 -38.02
N THR A 601 -3.05 2.42 -38.51
CA THR A 601 -3.28 2.23 -39.92
C THR A 601 -4.70 2.67 -40.25
N ASP A 602 -4.95 2.89 -41.55
CA ASP A 602 -6.31 3.23 -42.00
C ASP A 602 -7.26 2.05 -41.91
N GLU A 603 -6.76 0.86 -41.59
CA GLU A 603 -7.58 -0.33 -41.47
C GLU A 603 -7.82 -0.73 -40.02
N GLY A 604 -7.53 0.15 -39.07
CA GLY A 604 -7.77 -0.18 -37.68
C GLY A 604 -6.75 -1.11 -37.07
N GLU A 605 -5.49 -0.98 -37.47
CA GLU A 605 -4.38 -1.82 -37.01
C GLU A 605 -3.31 -0.93 -36.36
N LEU A 606 -2.29 -1.57 -35.81
CA LEU A 606 -1.29 -0.88 -34.98
C LEU A 606 0.01 -1.64 -35.14
N PHE A 607 0.99 -1.03 -35.80
CA PHE A 607 2.18 -1.73 -36.27
C PHE A 607 3.40 -0.82 -36.13
N GLN A 608 4.55 -1.42 -35.84
CA GLN A 608 5.79 -0.64 -35.79
C GLN A 608 6.12 0.02 -37.11
N ASP A 609 5.66 -0.56 -38.23
CA ASP A 609 5.82 0.09 -39.53
C ASP A 609 4.48 0.58 -40.08
N GLY A 610 3.55 0.92 -39.19
CA GLY A 610 2.30 1.51 -39.62
C GLY A 610 2.51 2.83 -40.33
N ASN A 611 1.55 3.18 -41.18
CA ASN A 611 1.69 4.33 -42.08
C ASN A 611 0.33 4.85 -42.50
N GLY A 612 -0.62 4.87 -41.57
CA GLY A 612 -1.93 5.42 -41.90
C GLY A 612 -1.84 6.87 -42.31
N LYS A 613 -2.81 7.30 -43.13
CA LYS A 613 -2.83 8.67 -43.61
C LYS A 613 -4.21 9.29 -43.64
N ALA A 614 -5.28 8.55 -43.34
CA ALA A 614 -6.62 9.11 -43.36
C ALA A 614 -6.85 10.02 -42.14
N GLN A 615 -7.95 10.76 -42.21
CA GLN A 615 -8.50 11.47 -41.07
C GLN A 615 -9.78 10.73 -40.67
N LYS A 616 -9.67 9.95 -39.61
CA LYS A 616 -10.81 9.20 -39.07
C LYS A 616 -11.47 10.01 -37.97
N SER A 617 -12.80 10.00 -37.97
CA SER A 617 -13.60 10.77 -37.02
C SER A 617 -14.42 9.83 -36.14
N PHE A 618 -14.74 10.32 -34.93
CA PHE A 618 -15.72 9.64 -34.10
C PHE A 618 -16.59 10.69 -33.44
N THR A 619 -17.86 10.36 -33.24
CA THR A 619 -18.79 11.29 -32.61
C THR A 619 -19.01 10.86 -31.16
N ASP A 620 -18.44 11.63 -30.24
CA ASP A 620 -18.69 11.43 -28.82
C ASP A 620 -20.08 11.93 -28.46
N VAL A 621 -20.85 11.10 -27.75
CA VAL A 621 -22.21 11.44 -27.36
C VAL A 621 -22.29 11.68 -25.85
N GLY A 622 -21.21 12.20 -25.27
CA GLY A 622 -21.18 12.51 -23.84
C GLY A 622 -21.69 11.37 -22.99
N GLY A 623 -22.50 11.71 -21.99
CA GLY A 623 -23.18 10.75 -21.15
C GLY A 623 -24.60 10.43 -21.54
N ILE A 624 -25.08 10.93 -22.67
CA ILE A 624 -26.46 10.74 -23.09
C ILE A 624 -26.81 9.27 -23.18
N GLU A 625 -26.01 8.50 -23.94
CA GLU A 625 -26.35 7.10 -24.14
C GLU A 625 -26.03 6.27 -22.90
N PHE A 626 -24.94 6.61 -22.20
CA PHE A 626 -24.61 5.90 -20.97
C PHE A 626 -25.74 6.02 -19.94
N LYS A 627 -26.21 7.23 -19.68
CA LYS A 627 -27.23 7.43 -18.65
C LYS A 627 -28.59 6.89 -19.09
N LYS A 628 -28.86 6.88 -20.40
CA LYS A 628 -30.07 6.27 -20.92
C LYS A 628 -30.08 4.76 -20.69
N ALA A 629 -28.94 4.10 -20.90
CA ALA A 629 -28.88 2.64 -20.78
C ALA A 629 -28.94 2.17 -19.33
N GLY A 630 -28.70 3.06 -18.37
CA GLY A 630 -28.75 2.69 -16.96
C GLY A 630 -27.70 1.71 -16.50
N ILE A 631 -26.66 1.46 -17.27
CA ILE A 631 -25.66 0.48 -16.88
C ILE A 631 -24.66 1.12 -15.91
N SER A 632 -24.00 0.27 -15.12
CA SER A 632 -23.01 0.74 -14.16
C SER A 632 -21.76 1.25 -14.89
N GLU A 633 -20.97 2.04 -14.16
CA GLU A 633 -19.74 2.59 -14.70
C GLU A 633 -18.71 1.49 -15.00
N SER A 634 -18.67 0.45 -14.17
CA SER A 634 -17.72 -0.63 -14.42
C SER A 634 -18.19 -1.54 -15.54
N ASP A 635 -19.50 -1.78 -15.64
CA ASP A 635 -20.07 -2.45 -16.81
C ASP A 635 -19.70 -1.69 -18.09
N TRP A 636 -19.90 -0.38 -18.10
CA TRP A 636 -19.53 0.41 -19.27
C TRP A 636 -18.05 0.22 -19.62
N GLN A 637 -17.17 0.30 -18.62
CA GLN A 637 -15.73 0.22 -18.87
C GLN A 637 -15.34 -1.11 -19.50
N TYR A 638 -15.91 -2.22 -19.01
CA TYR A 638 -15.52 -3.51 -19.53
C TYR A 638 -16.04 -3.70 -20.95
N LYS A 639 -17.35 -3.47 -21.15
CA LYS A 639 -17.90 -3.50 -22.50
C LYS A 639 -17.17 -2.53 -23.41
N PHE A 640 -16.72 -1.39 -22.89
CA PHE A 640 -16.02 -0.43 -23.74
C PHE A 640 -14.68 -1.01 -24.22
N ILE A 641 -13.83 -1.44 -23.28
CA ILE A 641 -12.54 -1.95 -23.69
C ILE A 641 -12.64 -3.26 -24.45
N CYS A 642 -13.73 -4.02 -24.27
CA CYS A 642 -13.92 -5.18 -25.11
C CYS A 642 -14.36 -4.80 -26.51
N GLY A 643 -14.86 -3.58 -26.72
CA GLY A 643 -15.29 -3.19 -28.04
C GLY A 643 -16.73 -3.47 -28.35
N ASP A 644 -17.59 -3.56 -27.33
CA ASP A 644 -19.03 -3.62 -27.54
C ASP A 644 -19.42 -2.55 -28.55
N GLU A 645 -20.11 -2.97 -29.61
CA GLU A 645 -20.45 -2.03 -30.68
C GLU A 645 -21.11 -0.78 -30.11
N LYS A 646 -22.14 -0.98 -29.26
CA LYS A 646 -22.92 0.15 -28.76
C LYS A 646 -22.06 1.16 -28.02
N TRP A 647 -21.04 0.70 -27.28
CA TRP A 647 -20.23 1.62 -26.49
C TRP A 647 -18.91 1.98 -27.15
N ALA A 648 -18.42 1.15 -28.07
CA ALA A 648 -17.16 1.45 -28.77
C ALA A 648 -17.35 2.40 -29.95
N LYS A 649 -18.58 2.61 -30.43
CA LYS A 649 -18.82 3.53 -31.55
C LYS A 649 -18.20 4.91 -31.32
N PRO A 650 -18.34 5.56 -30.12
CA PRO A 650 -17.62 6.83 -29.89
C PRO A 650 -16.12 6.66 -29.68
N SER A 651 -15.41 5.94 -30.55
CA SER A 651 -13.98 5.75 -30.37
C SER A 651 -13.35 5.21 -31.65
N LEU A 652 -12.03 5.33 -31.72
CA LEU A 652 -11.22 4.69 -32.74
C LEU A 652 -10.36 3.61 -32.07
N ARG A 653 -10.41 2.39 -32.60
CA ARG A 653 -9.62 1.29 -32.07
C ARG A 653 -8.57 0.81 -33.07
N PHE A 654 -7.36 0.55 -32.58
CA PHE A 654 -6.27 0.05 -33.41
C PHE A 654 -5.63 -1.13 -32.73
N GLU A 655 -5.72 -2.31 -33.38
CA GLU A 655 -5.19 -3.55 -32.83
C GLU A 655 -3.89 -3.94 -33.51
N THR A 656 -2.93 -4.37 -32.70
CA THR A 656 -1.77 -5.12 -33.19
C THR A 656 -2.20 -6.52 -33.64
N ASP A 657 -1.28 -7.23 -34.28
CA ASP A 657 -1.44 -8.67 -34.40
C ASP A 657 -1.11 -9.35 -33.08
N GLU A 658 -1.56 -10.61 -32.94
CA GLU A 658 -1.24 -11.39 -31.75
C GLU A 658 0.27 -11.40 -31.50
N PHE A 659 0.64 -11.30 -30.23
CA PHE A 659 2.06 -11.36 -29.86
C PHE A 659 2.56 -12.79 -29.97
N THR A 660 3.78 -12.93 -30.46
CA THR A 660 4.36 -14.25 -30.64
C THR A 660 5.32 -14.62 -29.53
N HIS A 661 5.72 -13.65 -28.71
CA HIS A 661 6.43 -13.83 -27.46
C HIS A 661 5.83 -12.87 -26.44
N PRO A 662 5.83 -13.24 -25.14
CA PRO A 662 5.36 -12.29 -24.13
C PRO A 662 6.22 -11.02 -24.17
N THR A 663 5.58 -9.89 -23.91
CA THR A 663 6.28 -8.61 -23.86
C THR A 663 5.82 -7.83 -22.63
N THR A 664 6.77 -7.17 -21.96
CA THR A 664 6.49 -6.44 -20.72
C THR A 664 6.62 -4.95 -20.98
N ILE A 665 5.49 -4.24 -20.98
CA ILE A 665 5.47 -2.78 -21.06
C ILE A 665 5.84 -2.18 -19.71
N VAL A 666 6.77 -1.22 -19.71
CA VAL A 666 7.31 -0.65 -18.49
C VAL A 666 7.32 0.88 -18.59
N GLY A 667 7.08 1.56 -17.46
CA GLY A 667 7.16 3.01 -17.48
C GLY A 667 5.89 3.70 -17.93
N ARG A 668 6.02 4.89 -18.52
CA ARG A 668 4.83 5.66 -18.86
C ARG A 668 4.72 5.80 -20.37
N PRO A 669 3.78 5.11 -21.02
CA PRO A 669 3.58 5.33 -22.46
C PRO A 669 3.23 6.78 -22.76
N GLU A 670 3.63 7.23 -23.94
CA GLU A 670 3.45 8.62 -24.38
C GLU A 670 2.73 8.64 -25.72
N VAL A 671 1.60 9.31 -25.77
CA VAL A 671 0.81 9.38 -26.98
C VAL A 671 0.98 10.76 -27.61
N LYS A 672 1.18 10.79 -28.93
CA LYS A 672 1.02 12.00 -29.72
C LYS A 672 -0.19 11.81 -30.63
N VAL A 673 -1.02 12.86 -30.74
CA VAL A 673 -2.23 12.74 -31.52
C VAL A 673 -2.69 14.11 -32.06
N ARG A 674 -2.83 14.21 -33.37
CA ARG A 674 -3.35 15.42 -34.00
C ARG A 674 -4.87 15.27 -34.14
N VAL A 675 -5.62 16.21 -33.58
CA VAL A 675 -7.07 16.11 -33.44
C VAL A 675 -7.74 17.45 -33.73
N SER A 676 -8.96 17.36 -34.25
CA SER A 676 -9.84 18.49 -34.50
C SER A 676 -11.19 18.19 -33.88
N ALA A 677 -11.85 19.22 -33.33
CA ALA A 677 -13.10 19.06 -32.61
C ALA A 677 -14.22 19.90 -33.23
N SER A 678 -15.46 19.41 -33.13
CA SER A 678 -16.59 20.11 -33.74
C SER A 678 -17.02 21.34 -32.95
N LEU A 679 -16.70 21.41 -31.66
CA LEU A 679 -16.94 22.56 -30.79
C LEU A 679 -15.61 23.19 -30.41
N PRO A 680 -15.60 24.48 -29.98
CA PRO A 680 -14.36 25.16 -29.61
C PRO A 680 -13.94 24.85 -28.17
N LYS A 681 -13.75 23.56 -27.89
CA LYS A 681 -13.43 23.01 -26.57
C LYS A 681 -13.36 21.50 -26.77
N GLY A 682 -12.87 20.79 -25.76
CA GLY A 682 -13.04 19.35 -25.70
C GLY A 682 -11.92 18.65 -24.97
N GLU A 683 -12.06 17.32 -24.92
CA GLU A 683 -11.09 16.46 -24.25
C GLU A 683 -10.93 15.16 -25.03
N ILE A 684 -9.74 14.59 -24.95
CA ILE A 684 -9.41 13.32 -25.57
C ILE A 684 -8.89 12.39 -24.48
N SER A 685 -9.38 11.16 -24.47
CA SER A 685 -8.89 10.08 -23.66
C SER A 685 -8.17 9.05 -24.54
N VAL A 686 -7.13 8.43 -24.00
CA VAL A 686 -6.37 7.43 -24.74
C VAL A 686 -6.06 6.28 -23.79
N ALA A 687 -6.35 5.05 -24.24
CA ALA A 687 -6.17 3.86 -23.43
C ALA A 687 -5.39 2.80 -24.21
N LEU A 688 -4.60 2.03 -23.46
CA LEU A 688 -3.96 0.81 -23.95
C LEU A 688 -4.61 -0.38 -23.25
N VAL A 689 -5.04 -1.35 -24.05
CA VAL A 689 -5.86 -2.47 -23.59
C VAL A 689 -5.21 -3.76 -24.08
N GLU A 690 -5.18 -4.77 -23.21
CA GLU A 690 -4.74 -6.11 -23.59
C GLU A 690 -5.95 -6.93 -24.02
N LEU A 691 -5.91 -7.48 -25.24
CA LEU A 691 -7.04 -8.20 -25.83
C LEU A 691 -6.78 -9.70 -25.83
N GLY A 692 -7.78 -10.47 -25.40
CA GLY A 692 -7.72 -11.91 -25.46
C GLY A 692 -8.56 -12.54 -24.37
N GLU A 693 -9.25 -13.63 -24.70
CA GLU A 693 -10.05 -14.34 -23.71
C GLU A 693 -9.16 -15.34 -22.97
N ARG A 694 -8.96 -15.11 -21.68
CA ARG A 694 -8.13 -15.96 -20.84
C ARG A 694 -8.48 -15.65 -19.39
N GLN A 695 -7.99 -16.49 -18.50
CA GLN A 695 -8.17 -16.30 -17.07
C GLN A 695 -7.08 -15.37 -16.56
N ARG A 696 -7.42 -14.11 -16.32
CA ARG A 696 -6.52 -13.17 -15.70
C ARG A 696 -6.64 -13.31 -14.17
N LEU A 697 -5.81 -12.58 -13.43
CA LEU A 697 -5.89 -12.66 -11.98
C LEU A 697 -7.17 -11.99 -11.48
N THR A 698 -7.66 -12.49 -10.35
CA THR A 698 -8.76 -11.85 -9.64
C THR A 698 -8.45 -10.38 -9.37
N ALA A 699 -9.52 -9.56 -9.38
CA ALA A 699 -9.37 -8.14 -9.08
C ALA A 699 -8.73 -7.91 -7.72
N THR A 700 -9.15 -8.65 -6.70
CA THR A 700 -8.53 -8.60 -5.40
C THR A 700 -8.07 -10.00 -4.98
N PRO A 701 -7.18 -10.10 -3.99
CA PRO A 701 -6.72 -11.43 -3.56
C PRO A 701 -7.90 -12.28 -3.11
N LYS A 702 -7.84 -13.57 -3.42
CA LYS A 702 -8.82 -14.51 -2.91
C LYS A 702 -8.44 -14.91 -1.47
N PHE A 703 -9.43 -14.90 -0.57
CA PHE A 703 -9.22 -15.32 0.81
C PHE A 703 -8.90 -16.81 0.85
N LEU A 704 -7.72 -17.16 1.39
CA LEU A 704 -7.33 -18.55 1.50
C LEU A 704 -7.43 -19.11 2.92
N MET A 705 -7.10 -18.33 3.95
CA MET A 705 -7.23 -18.76 5.35
C MET A 705 -7.76 -17.55 6.13
N HIS A 706 -9.08 -17.48 6.24
CA HIS A 706 -9.77 -16.37 6.87
C HIS A 706 -9.39 -16.32 8.35
N GLY A 707 -8.87 -15.17 8.79
CA GLY A 707 -8.33 -15.07 10.13
C GLY A 707 -7.33 -16.18 10.47
N GLY A 708 -6.62 -16.70 9.46
CA GLY A 708 -5.66 -17.75 9.66
C GLY A 708 -4.29 -17.32 10.11
N GLN A 709 -4.06 -16.02 10.31
CA GLN A 709 -2.79 -15.53 10.82
C GLN A 709 -2.97 -14.94 12.20
N GLU A 710 -2.06 -15.29 13.13
CA GLU A 710 -2.09 -14.74 14.49
C GLU A 710 -1.18 -13.52 14.56
N LEU A 711 -1.73 -12.39 15.01
CA LEU A 711 -0.91 -11.20 15.17
C LEU A 711 0.02 -11.31 16.37
N GLY A 712 -0.39 -12.04 17.41
CA GLY A 712 0.49 -12.38 18.51
C GLY A 712 -0.10 -13.55 19.28
N TYR A 713 -0.11 -13.46 20.61
CA TYR A 713 -0.81 -14.42 21.44
C TYR A 713 -2.10 -13.77 21.88
N ARG A 714 -3.22 -14.30 21.42
CA ARG A 714 -4.52 -13.76 21.76
C ARG A 714 -4.59 -12.27 21.44
N PHE A 715 -4.06 -11.89 20.27
CA PHE A 715 -3.93 -10.48 19.91
C PHE A 715 -4.50 -10.20 18.54
N GLY A 716 -5.53 -10.94 18.14
CA GLY A 716 -6.19 -10.69 16.86
C GLY A 716 -5.50 -11.38 15.71
N THR A 717 -6.16 -11.32 14.56
CA THR A 717 -5.82 -12.14 13.41
C THR A 717 -5.74 -11.31 12.13
N ASP A 718 -5.13 -11.90 11.11
CA ASP A 718 -5.25 -11.42 9.74
C ASP A 718 -5.56 -12.59 8.82
N THR A 719 -5.90 -12.27 7.57
CA THR A 719 -6.38 -13.26 6.63
C THR A 719 -5.33 -13.51 5.55
N LEU A 720 -4.89 -14.76 5.42
CA LEU A 720 -4.01 -15.06 4.30
C LEU A 720 -4.80 -15.07 3.00
N GLN A 721 -4.21 -14.49 1.96
CA GLN A 721 -4.88 -14.35 0.67
C GLN A 721 -3.83 -14.24 -0.43
N GLU A 722 -4.30 -14.37 -1.68
CA GLU A 722 -3.44 -14.28 -2.84
C GLU A 722 -4.31 -14.19 -4.07
N PHE A 723 -3.80 -13.50 -5.09
CA PHE A 723 -4.47 -13.46 -6.39
C PHE A 723 -4.45 -14.85 -7.05
N VAL A 724 -5.56 -15.20 -7.68
CA VAL A 724 -5.66 -16.50 -8.35
C VAL A 724 -6.26 -16.29 -9.72
N PRO A 725 -6.14 -17.26 -10.62
CA PRO A 725 -6.87 -17.17 -11.90
C PRO A 725 -8.36 -16.98 -11.66
N ASP A 726 -8.92 -16.01 -12.38
CA ASP A 726 -10.33 -15.62 -12.30
C ASP A 726 -11.10 -16.30 -13.44
N LYS A 727 -12.42 -16.18 -13.40
CA LYS A 727 -13.23 -16.45 -14.58
C LYS A 727 -12.65 -15.72 -15.78
N LYS A 728 -12.76 -16.34 -16.96
CA LYS A 728 -12.21 -15.73 -18.17
C LYS A 728 -12.78 -14.34 -18.40
N THR A 729 -11.91 -13.42 -18.81
CA THR A 729 -12.28 -12.10 -19.30
C THR A 729 -11.73 -11.94 -20.72
N LYS A 730 -12.35 -11.05 -21.50
CA LYS A 730 -11.90 -10.87 -22.88
C LYS A 730 -10.89 -9.75 -23.06
N ALA A 731 -10.61 -8.96 -22.02
CA ALA A 731 -9.73 -7.81 -22.14
C ALA A 731 -9.42 -7.27 -20.75
N LYS A 732 -8.33 -6.50 -20.66
CA LYS A 732 -7.96 -5.80 -19.45
C LYS A 732 -7.35 -4.45 -19.81
N LEU A 733 -7.74 -3.41 -19.08
CA LEU A 733 -7.11 -2.10 -19.23
C LEU A 733 -5.67 -2.15 -18.71
N ILE A 734 -4.72 -1.74 -19.53
CA ILE A 734 -3.33 -1.64 -19.08
C ILE A 734 -3.09 -0.26 -18.49
N THR A 735 -3.38 0.77 -19.27
CA THR A 735 -3.12 2.13 -18.82
C THR A 735 -3.97 3.06 -19.68
N LYS A 736 -4.16 4.28 -19.19
CA LYS A 736 -4.89 5.29 -19.93
C LYS A 736 -4.59 6.65 -19.33
N ALA A 737 -5.02 7.69 -20.04
CA ALA A 737 -4.86 9.07 -19.57
C ALA A 737 -5.82 9.93 -20.36
N HIS A 738 -6.02 11.15 -19.86
CA HIS A 738 -6.96 12.09 -20.45
C HIS A 738 -6.27 13.44 -20.65
N MET A 739 -6.86 14.27 -21.51
CA MET A 739 -6.28 15.58 -21.72
C MET A 739 -7.31 16.57 -22.25
N ASN A 740 -7.20 17.80 -21.78
CA ASN A 740 -8.03 18.92 -22.22
C ASN A 740 -7.42 19.48 -23.51
N LEU A 741 -8.27 19.69 -24.52
CA LEU A 741 -7.77 20.23 -25.78
C LEU A 741 -7.11 21.59 -25.59
N GLN A 742 -7.69 22.43 -24.75
CA GLN A 742 -7.19 23.80 -24.62
C GLN A 742 -5.83 23.85 -23.94
N ASN A 743 -5.34 22.73 -23.43
CA ASN A 743 -3.99 22.66 -22.87
C ASN A 743 -2.98 22.14 -23.87
N PHE A 744 -3.36 22.10 -25.16
CA PHE A 744 -2.47 21.56 -26.21
C PHE A 744 -1.10 22.23 -26.19
N LYS A 745 -1.03 23.51 -25.81
CA LYS A 745 0.23 24.25 -25.75
C LYS A 745 0.90 24.14 -24.40
N ASP A 746 0.13 24.23 -23.32
CA ASP A 746 0.71 24.28 -21.99
C ASP A 746 -0.16 23.48 -21.03
N MET A 747 0.46 22.55 -20.29
CA MET A 747 -0.24 21.84 -19.24
C MET A 747 -0.68 22.78 -18.13
N LYS A 748 0.04 23.88 -17.94
CA LYS A 748 -0.24 24.84 -16.88
C LYS A 748 -0.98 26.09 -17.36
N LYS A 749 -1.34 26.17 -18.66
CA LYS A 749 -1.97 27.39 -19.16
C LYS A 749 -2.89 27.12 -20.35
N PRO A 750 -4.19 27.35 -20.19
CA PRO A 750 -5.13 27.05 -21.28
C PRO A 750 -5.11 28.13 -22.36
N GLU A 751 -5.59 27.74 -23.54
CA GLU A 751 -5.65 28.60 -24.71
C GLU A 751 -6.99 28.41 -25.39
N ALA A 752 -7.48 29.44 -26.05
CA ALA A 752 -8.68 29.26 -26.87
C ALA A 752 -8.35 28.38 -28.07
N ILE A 753 -9.36 27.65 -28.56
CA ILE A 753 -9.18 26.83 -29.75
C ILE A 753 -10.36 27.04 -30.68
N ASP A 754 -10.08 26.92 -31.98
CA ASP A 754 -11.11 26.97 -33.00
C ASP A 754 -11.62 25.56 -33.26
N ALA A 755 -12.93 25.42 -33.36
CA ALA A 755 -13.49 24.19 -33.91
C ALA A 755 -12.94 23.96 -35.32
N ASP A 756 -12.79 22.68 -35.68
CA ASP A 756 -12.39 22.20 -37.01
C ASP A 756 -10.95 22.55 -37.37
N LYS A 757 -10.13 22.91 -36.40
CA LYS A 757 -8.71 23.11 -36.61
C LYS A 757 -7.95 22.04 -35.84
N PHE A 758 -6.89 21.52 -36.44
CA PHE A 758 -6.14 20.44 -35.82
C PHE A 758 -5.15 20.97 -34.80
N TYR A 759 -5.06 20.28 -33.66
CA TYR A 759 -4.06 20.58 -32.65
C TYR A 759 -3.27 19.32 -32.31
N ASP A 760 -2.00 19.53 -31.96
CA ASP A 760 -1.11 18.44 -31.56
C ASP A 760 -1.17 18.29 -30.04
N LEU A 761 -1.70 17.16 -29.59
CA LEU A 761 -1.65 16.76 -28.19
C LEU A 761 -0.48 15.78 -28.01
N ASP A 762 0.30 16.01 -26.98
CA ASP A 762 1.40 15.13 -26.61
C ASP A 762 1.32 14.95 -25.10
N PHE A 763 1.02 13.74 -24.64
CA PHE A 763 0.93 13.54 -23.19
C PHE A 763 1.18 12.09 -22.81
N LEU A 764 1.39 11.89 -21.51
CA LEU A 764 1.79 10.63 -20.91
C LEU A 764 0.59 9.89 -20.32
N LEU A 765 0.67 8.57 -20.36
CA LEU A 765 -0.31 7.67 -19.78
C LEU A 765 0.14 7.25 -18.38
N GLN A 766 -0.75 6.56 -17.66
CA GLN A 766 -0.42 6.08 -16.32
C GLN A 766 0.73 5.07 -16.38
N PRO A 767 1.63 5.07 -15.39
CA PRO A 767 2.77 4.15 -15.41
C PRO A 767 2.31 2.72 -15.19
N THR A 768 3.07 1.76 -15.75
CA THR A 768 2.65 0.38 -15.67
C THR A 768 3.86 -0.55 -15.62
N TYR A 769 3.57 -1.84 -15.45
CA TYR A 769 4.56 -2.92 -15.54
C TYR A 769 3.71 -4.16 -15.81
N TYR A 770 3.56 -4.47 -17.10
CA TYR A 770 2.48 -5.32 -17.56
C TYR A 770 3.03 -6.23 -18.65
N THR A 771 2.99 -7.55 -18.43
CA THR A 771 3.41 -8.51 -19.44
C THR A 771 2.19 -8.91 -20.26
N ILE A 772 2.14 -8.46 -21.51
CA ILE A 772 1.21 -9.01 -22.49
C ILE A 772 1.68 -10.42 -22.84
N PRO A 773 0.87 -11.45 -22.65
CA PRO A 773 1.31 -12.81 -22.98
C PRO A 773 1.20 -13.05 -24.48
N SER A 774 2.02 -13.99 -24.95
CA SER A 774 1.94 -14.38 -26.36
C SER A 774 0.54 -14.88 -26.67
N GLY A 775 0.07 -14.61 -27.89
CA GLY A 775 -1.30 -14.90 -28.24
C GLY A 775 -2.29 -13.79 -27.97
N SER A 776 -1.92 -12.76 -27.20
CA SER A 776 -2.79 -11.62 -26.95
C SER A 776 -2.49 -10.50 -27.95
N LYS A 777 -3.45 -9.57 -28.07
CA LYS A 777 -3.27 -8.36 -28.86
C LYS A 777 -3.18 -7.13 -27.96
N LEU A 778 -2.53 -6.09 -28.49
CA LEU A 778 -2.49 -4.77 -27.85
C LEU A 778 -3.37 -3.81 -28.64
N ALA A 779 -4.29 -3.14 -27.95
CA ALA A 779 -5.21 -2.19 -28.57
C ALA A 779 -4.94 -0.78 -28.05
N LEU A 780 -4.75 0.16 -28.97
CA LEU A 780 -4.80 1.58 -28.67
C LEU A 780 -6.21 2.07 -28.93
N ILE A 781 -6.83 2.70 -27.93
CA ILE A 781 -8.17 3.26 -28.08
C ILE A 781 -8.08 4.76 -27.91
N ILE A 782 -8.64 5.50 -28.88
CA ILE A 782 -8.77 6.95 -28.79
C ILE A 782 -10.25 7.27 -28.68
N TYR A 783 -10.60 8.04 -27.66
CA TYR A 783 -11.99 8.37 -27.41
C TYR A 783 -12.02 9.68 -26.66
N SER A 784 -13.16 10.01 -26.07
CA SER A 784 -13.27 11.27 -25.35
C SER A 784 -13.89 11.08 -23.98
N THR A 785 -15.21 10.89 -23.94
CA THR A 785 -15.91 10.80 -22.67
C THR A 785 -15.70 9.42 -22.05
N ASP A 786 -15.11 9.42 -20.85
CA ASP A 786 -14.96 8.21 -20.04
C ASP A 786 -16.07 8.22 -19.00
N GLN A 787 -17.06 7.33 -19.18
CA GLN A 787 -18.26 7.40 -18.36
C GLN A 787 -17.96 7.32 -16.85
N GLY A 788 -16.82 6.76 -16.46
CA GLY A 788 -16.50 6.62 -15.05
C GLY A 788 -15.49 7.62 -14.50
N MET A 789 -14.87 8.44 -15.35
CA MET A 789 -13.82 9.32 -14.84
C MET A 789 -13.79 10.76 -15.39
N THR A 790 -14.31 11.06 -16.59
CA THR A 790 -14.45 12.44 -17.05
C THR A 790 -15.85 12.96 -16.76
N LYS A 791 -16.02 14.25 -17.01
CA LYS A 791 -17.36 14.81 -17.16
C LYS A 791 -18.09 14.10 -18.28
N ARG A 792 -19.41 14.01 -18.14
CA ARG A 792 -20.25 13.31 -19.10
C ARG A 792 -21.15 14.32 -19.76
N PRO A 793 -20.72 14.93 -20.87
CA PRO A 793 -21.46 16.05 -21.46
C PRO A 793 -22.86 15.65 -21.90
N LEU A 794 -23.72 16.66 -21.95
CA LEU A 794 -25.11 16.54 -22.39
C LEU A 794 -25.28 16.83 -23.87
N GLU A 795 -24.20 17.13 -24.59
CA GLU A 795 -24.21 17.42 -26.01
C GLU A 795 -23.24 16.48 -26.74
N ASP A 796 -23.42 16.37 -28.07
CA ASP A 796 -22.49 15.62 -28.89
C ASP A 796 -21.27 16.48 -29.21
N GLU A 797 -20.20 15.80 -29.61
CA GLU A 797 -19.02 16.49 -30.12
C GLU A 797 -18.22 15.52 -30.96
N THR A 798 -17.86 15.93 -32.17
CA THR A 798 -17.16 15.06 -33.12
C THR A 798 -15.68 15.36 -33.10
N TYR A 799 -14.86 14.32 -32.99
CA TYR A 799 -13.42 14.47 -33.06
C TYR A 799 -12.91 13.80 -34.33
N THR A 800 -11.92 14.42 -34.95
CA THR A 800 -11.24 13.89 -36.13
C THR A 800 -9.76 13.76 -35.82
N ILE A 801 -9.21 12.57 -36.04
CA ILE A 801 -7.81 12.29 -35.72
C ILE A 801 -7.06 12.12 -37.03
N ASP A 802 -5.92 12.81 -37.15
CA ASP A 802 -5.03 12.65 -38.29
C ASP A 802 -4.10 11.47 -38.00
N LEU A 803 -4.37 10.32 -38.64
CA LEU A 803 -3.56 9.13 -38.38
C LEU A 803 -2.10 9.33 -38.77
N ALA A 804 -1.82 10.19 -39.73
CA ALA A 804 -0.44 10.43 -40.14
C ALA A 804 0.37 11.21 -39.10
N ASN A 805 -0.26 11.73 -38.06
CA ASN A 805 0.46 12.43 -36.99
C ASN A 805 0.05 11.93 -35.62
N THR A 806 -0.19 10.64 -35.52
CA THR A 806 -0.60 10.00 -34.29
C THR A 806 0.30 8.80 -34.06
N GLU A 807 0.65 8.55 -32.82
CA GLU A 807 1.54 7.45 -32.49
C GLU A 807 1.42 7.18 -31.00
N ILE A 808 1.79 5.97 -30.61
CA ILE A 808 1.92 5.61 -29.21
C ILE A 808 3.30 5.02 -29.01
N LYS A 809 4.03 5.56 -28.02
CA LYS A 809 5.39 5.17 -27.73
C LYS A 809 5.47 4.67 -26.30
N PHE A 810 6.10 3.52 -26.11
CA PHE A 810 6.30 3.00 -24.76
C PHE A 810 7.56 2.17 -24.76
N TYR A 811 8.04 1.88 -23.56
CA TYR A 811 9.24 1.09 -23.37
C TYR A 811 8.86 -0.33 -23.01
N GLU A 812 9.64 -1.29 -23.48
CA GLU A 812 9.31 -2.70 -23.27
C GLU A 812 10.56 -3.51 -23.00
N LYS A 813 10.34 -4.63 -22.34
CA LYS A 813 11.38 -5.45 -21.73
C LYS A 813 11.07 -6.90 -22.10
#